data_7QS4
#
_entry.id   7QS4
#
_cell.length_a   91.736
_cell.length_b   93.064
_cell.length_c   103.850
_cell.angle_alpha   90.000
_cell.angle_beta   90.000
_cell.angle_gamma   90.000
#
_symmetry.space_group_name_H-M   'P 21 21 21'
#
loop_
_entity.id
_entity.type
_entity.pdbx_description
1 polymer HAPRIN-a2
2 water water
#
_entity_poly.entity_id   1
_entity_poly.type   'polypeptide(L)'
_entity_poly.pdbx_seq_one_letter_code
;MTPPAPVFSFLFDEKCGYNNEHLLLNLKRDRVESRAGFNLLLAAERIQVGYYTSLDYIIGDTGITKGKHFWAFRVEPYSY
LVKVGVASSDKLQEWLRSPRDAVSPRYEQDSGHDSGSEDACFDSSQPFTLVTIGMQKFFIPKSPTSSNEPENRVLPMPTS
IGIFLDCDKGKVNFYDMDQMKCLYERQVDCSHTLYPAFALMGSGGIQLEEPITAKYLEYQEDMAENLYFQ
;
_entity_poly.pdbx_strand_id   A,B,C,D
#
# COMPACT_ATOMS: atom_id res chain seq x y z
N MET A 1 2.57 -3.29 -35.02
CA MET A 1 2.72 -2.06 -34.19
C MET A 1 2.52 -2.42 -32.70
N THR A 2 3.59 -2.37 -31.90
CA THR A 2 3.70 -3.00 -30.55
C THR A 2 2.59 -2.45 -29.64
N PRO A 3 2.59 -1.13 -29.31
CA PRO A 3 1.36 -0.43 -28.95
C PRO A 3 0.65 -0.05 -30.26
N PRO A 4 -0.53 -0.64 -30.58
CA PRO A 4 -1.08 -0.57 -31.94
C PRO A 4 -1.40 0.85 -32.44
N ALA A 5 -1.28 1.87 -31.54
CA ALA A 5 -1.79 3.25 -31.71
C ALA A 5 -0.98 4.22 -30.84
N PRO A 6 -1.16 5.56 -31.04
CA PRO A 6 -0.56 6.55 -30.13
C PRO A 6 -1.09 6.42 -28.68
N VAL A 7 -0.17 6.52 -27.69
CA VAL A 7 -0.50 6.41 -26.24
C VAL A 7 -1.32 7.62 -25.84
N PHE A 8 -2.51 7.37 -25.32
CA PHE A 8 -3.50 8.39 -24.89
C PHE A 8 -3.26 8.71 -23.41
N SER A 9 -2.86 9.93 -23.12
CA SER A 9 -2.46 10.39 -21.77
C SER A 9 -3.67 10.99 -21.03
N PHE A 10 -3.97 10.49 -19.83
CA PHE A 10 -5.07 11.00 -18.97
C PHE A 10 -4.86 10.61 -17.52
N LEU A 11 -5.72 11.13 -16.65
CA LEU A 11 -5.76 10.78 -15.21
C LEU A 11 -7.20 10.48 -14.82
N PHE A 12 -7.42 9.86 -13.66
CA PHE A 12 -8.78 9.66 -13.13
C PHE A 12 -9.44 11.03 -12.89
N ASP A 13 -10.70 11.16 -13.27
CA ASP A 13 -11.48 12.41 -13.18
C ASP A 13 -12.01 12.54 -11.73
N GLU A 14 -11.44 13.46 -10.95
CA GLU A 14 -11.85 13.73 -9.55
C GLU A 14 -13.23 14.41 -9.51
N LYS A 15 -13.76 14.81 -10.65
CA LYS A 15 -14.99 15.68 -10.74
C LYS A 15 -16.14 14.95 -11.46
N CYS A 16 -16.00 13.65 -11.75
CA CYS A 16 -17.01 12.87 -12.52
C CYS A 16 -18.15 12.39 -11.59
N GLY A 17 -18.15 12.76 -10.30
CA GLY A 17 -19.17 12.35 -9.30
C GLY A 17 -18.98 10.91 -8.79
N TYR A 18 -17.75 10.38 -8.78
CA TYR A 18 -17.43 9.03 -8.27
C TYR A 18 -17.74 8.93 -6.76
N ASN A 19 -17.88 7.71 -6.27
CA ASN A 19 -18.28 7.43 -4.86
C ASN A 19 -17.03 7.47 -3.99
N ASN A 20 -16.75 8.62 -3.36
CA ASN A 20 -15.48 8.85 -2.62
C ASN A 20 -15.58 8.27 -1.21
N GLU A 21 -16.71 7.69 -0.84
CA GLU A 21 -16.82 6.87 0.39
C GLU A 21 -16.07 5.55 0.18
N HIS A 22 -16.12 4.98 -1.03
CA HIS A 22 -15.57 3.62 -1.35
C HIS A 22 -14.33 3.71 -2.25
N LEU A 23 -14.11 4.80 -2.97
CA LEU A 23 -12.96 4.98 -3.90
C LEU A 23 -12.03 6.07 -3.40
N LEU A 24 -10.74 5.77 -3.34
CA LEU A 24 -9.68 6.74 -2.98
C LEU A 24 -8.73 6.90 -4.17
N LEU A 25 -8.56 8.14 -4.63
CA LEU A 25 -7.51 8.55 -5.60
C LEU A 25 -6.22 8.85 -4.86
N ASN A 26 -5.08 8.44 -5.40
CA ASN A 26 -3.75 8.76 -4.85
C ASN A 26 -3.43 10.21 -5.22
N LEU A 27 -2.28 10.68 -4.78
CA LEU A 27 -1.93 12.10 -4.84
C LEU A 27 -1.87 12.55 -6.31
N LYS A 28 -1.42 11.70 -7.24
CA LYS A 28 -1.23 12.08 -8.66
C LYS A 28 -2.53 11.88 -9.45
N ARG A 29 -3.53 11.22 -8.86
CA ARG A 29 -4.80 10.87 -9.56
C ARG A 29 -4.52 9.82 -10.67
N ASP A 30 -3.47 8.98 -10.53
CA ASP A 30 -3.14 7.92 -11.52
C ASP A 30 -3.35 6.54 -10.89
N ARG A 31 -3.90 6.48 -9.68
CA ARG A 31 -4.26 5.22 -8.99
C ARG A 31 -5.58 5.42 -8.24
N VAL A 32 -6.44 4.44 -8.32
CA VAL A 32 -7.71 4.41 -7.54
C VAL A 32 -7.77 3.08 -6.79
N GLU A 33 -8.19 3.15 -5.54
CA GLU A 33 -8.36 1.99 -4.64
C GLU A 33 -9.79 1.93 -4.20
N SER A 34 -10.31 0.73 -4.10
CA SER A 34 -11.60 0.39 -3.49
C SER A 34 -11.39 0.03 -2.00
N ARG A 35 -12.22 0.58 -1.14
N ARG A 35 -12.22 0.58 -1.14
CA ARG A 35 -12.20 0.43 0.34
CA ARG A 35 -12.19 0.44 0.34
C ARG A 35 -13.64 0.23 0.84
C ARG A 35 -13.63 0.24 0.84
N ALA A 36 -13.80 -0.35 2.03
CA ALA A 36 -15.10 -0.47 2.70
C ALA A 36 -15.58 0.91 3.18
N GLY A 37 -14.64 1.77 3.57
CA GLY A 37 -14.92 3.15 4.04
C GLY A 37 -15.28 3.18 5.50
N PHE A 38 -15.24 4.35 6.11
CA PHE A 38 -15.39 4.56 7.56
C PHE A 38 -16.82 4.21 8.02
N ASN A 39 -17.86 4.57 7.24
CA ASN A 39 -19.27 4.47 7.67
C ASN A 39 -19.62 3.00 7.88
N LEU A 40 -19.25 2.16 6.94
CA LEU A 40 -19.45 0.70 7.01
C LEU A 40 -18.67 0.11 8.19
N LEU A 41 -17.38 0.39 8.26
CA LEU A 41 -16.48 -0.28 9.24
C LEU A 41 -16.82 0.16 10.66
N LEU A 42 -17.26 1.41 10.85
CA LEU A 42 -17.68 1.91 12.19
C LEU A 42 -19.01 1.26 12.61
N ALA A 43 -19.76 0.70 11.66
CA ALA A 43 -21.10 0.10 11.88
C ALA A 43 -21.03 -1.42 11.72
N ALA A 44 -19.84 -2.00 11.75
CA ALA A 44 -19.59 -3.40 11.35
C ALA A 44 -20.27 -4.40 12.32
N GLU A 45 -20.53 -4.00 13.58
CA GLU A 45 -21.26 -4.89 14.55
C GLU A 45 -22.64 -5.22 14.00
N ARG A 46 -23.24 -4.30 13.24
CA ARG A 46 -24.58 -4.47 12.64
C ARG A 46 -24.52 -5.54 11.53
N ILE A 47 -23.35 -5.76 10.92
CA ILE A 47 -23.19 -6.73 9.80
C ILE A 47 -22.82 -8.09 10.36
N GLN A 48 -23.76 -9.03 10.31
CA GLN A 48 -23.56 -10.43 10.77
C GLN A 48 -23.75 -11.39 9.59
N VAL A 49 -24.48 -10.99 8.55
CA VAL A 49 -24.89 -11.86 7.39
C VAL A 49 -24.17 -11.41 6.09
N GLY A 50 -24.11 -10.11 5.85
CA GLY A 50 -23.56 -9.52 4.62
C GLY A 50 -24.01 -8.09 4.44
N TYR A 51 -23.76 -7.51 3.26
CA TYR A 51 -24.06 -6.09 2.95
C TYR A 51 -24.13 -5.93 1.44
N TYR A 52 -25.04 -5.07 0.98
CA TYR A 52 -25.14 -4.68 -0.43
C TYR A 52 -24.02 -3.71 -0.74
N THR A 53 -23.00 -4.22 -1.46
CA THR A 53 -21.81 -3.47 -1.85
C THR A 53 -22.05 -2.96 -3.25
N SER A 54 -22.01 -1.63 -3.41
CA SER A 54 -22.18 -0.96 -4.72
C SER A 54 -20.94 -1.24 -5.60
N LEU A 55 -21.16 -1.37 -6.88
CA LEU A 55 -20.12 -1.28 -7.91
C LEU A 55 -19.91 0.20 -8.23
N ASP A 56 -18.72 0.71 -7.95
CA ASP A 56 -18.40 2.15 -8.00
C ASP A 56 -17.56 2.41 -9.26
N TYR A 57 -18.10 3.21 -10.16
CA TYR A 57 -17.51 3.55 -11.47
C TYR A 57 -16.66 4.81 -11.30
N ILE A 58 -15.66 4.94 -12.16
CA ILE A 58 -14.88 6.17 -12.34
C ILE A 58 -14.37 6.20 -13.77
N ILE A 59 -14.18 7.38 -14.33
CA ILE A 59 -13.77 7.57 -15.74
C ILE A 59 -12.47 8.38 -15.78
N GLY A 60 -11.77 8.32 -16.90
CA GLY A 60 -10.66 9.24 -17.21
C GLY A 60 -11.17 10.65 -17.41
N ASP A 61 -10.27 11.62 -17.33
CA ASP A 61 -10.60 13.07 -17.31
C ASP A 61 -10.65 13.63 -18.74
N THR A 62 -10.41 12.80 -19.75
CA THR A 62 -10.28 13.22 -21.17
C THR A 62 -11.10 12.28 -22.06
N GLY A 63 -11.98 12.84 -22.88
CA GLY A 63 -12.87 12.08 -23.79
C GLY A 63 -12.23 11.84 -25.14
N ILE A 64 -12.71 10.83 -25.86
CA ILE A 64 -12.32 10.49 -27.26
C ILE A 64 -13.56 10.64 -28.15
N THR A 65 -13.45 11.42 -29.24
CA THR A 65 -14.55 11.68 -30.22
C THR A 65 -14.20 11.00 -31.56
N LYS A 66 -12.92 10.76 -31.81
CA LYS A 66 -12.37 10.32 -33.13
C LYS A 66 -10.96 9.76 -32.92
N GLY A 67 -10.47 9.03 -33.91
CA GLY A 67 -9.07 8.56 -33.99
C GLY A 67 -8.85 7.24 -33.26
N LYS A 68 -7.58 6.80 -33.26
CA LYS A 68 -7.09 5.55 -32.63
C LYS A 68 -6.31 5.92 -31.37
N HIS A 69 -6.65 5.31 -30.22
CA HIS A 69 -6.09 5.65 -28.90
C HIS A 69 -5.78 4.38 -28.12
N PHE A 70 -4.61 4.34 -27.47
CA PHE A 70 -4.13 3.21 -26.63
C PHE A 70 -3.82 3.70 -25.22
N TRP A 71 -4.18 2.92 -24.21
CA TRP A 71 -3.76 3.14 -22.81
C TRP A 71 -3.64 1.80 -22.10
N ALA A 72 -2.85 1.76 -21.03
CA ALA A 72 -2.46 0.55 -20.28
C ALA A 72 -2.55 0.80 -18.76
N PHE A 73 -2.74 -0.23 -17.97
CA PHE A 73 -2.93 -0.11 -16.52
C PHE A 73 -2.65 -1.45 -15.85
N ARG A 74 -2.38 -1.43 -14.55
CA ARG A 74 -2.22 -2.63 -13.70
C ARG A 74 -3.37 -2.70 -12.71
N VAL A 75 -4.03 -3.84 -12.65
CA VAL A 75 -5.07 -4.17 -11.66
C VAL A 75 -4.41 -4.99 -10.56
N GLU A 76 -4.67 -4.65 -9.31
CA GLU A 76 -4.11 -5.39 -8.16
C GLU A 76 -4.59 -6.83 -8.26
N PRO A 77 -3.67 -7.81 -8.12
CA PRO A 77 -4.01 -9.22 -8.24
C PRO A 77 -5.10 -9.68 -7.26
N TYR A 78 -5.21 -9.01 -6.13
CA TYR A 78 -6.12 -9.38 -5.02
C TYR A 78 -7.53 -8.85 -5.33
N SER A 79 -7.69 -8.02 -6.36
CA SER A 79 -8.93 -7.22 -6.60
C SER A 79 -10.16 -8.16 -6.56
N TYR A 80 -11.16 -7.85 -5.76
CA TYR A 80 -12.42 -8.64 -5.63
C TYR A 80 -13.11 -8.71 -7.00
N LEU A 81 -13.47 -7.55 -7.52
CA LEU A 81 -14.16 -7.40 -8.83
C LEU A 81 -13.87 -6.01 -9.39
N VAL A 82 -13.29 -5.99 -10.56
CA VAL A 82 -12.93 -4.75 -11.29
C VAL A 82 -13.47 -4.89 -12.71
N LYS A 83 -14.00 -3.82 -13.26
CA LYS A 83 -14.35 -3.77 -14.70
C LYS A 83 -13.55 -2.66 -15.35
N VAL A 84 -13.10 -2.88 -16.57
CA VAL A 84 -12.33 -1.89 -17.35
C VAL A 84 -12.85 -1.89 -18.77
N GLY A 85 -12.91 -0.72 -19.37
CA GLY A 85 -13.13 -0.54 -20.83
C GLY A 85 -13.44 0.89 -21.17
N VAL A 86 -14.58 1.13 -21.81
CA VAL A 86 -15.01 2.46 -22.31
C VAL A 86 -16.51 2.60 -22.13
N ALA A 87 -16.99 3.83 -22.12
CA ALA A 87 -18.40 4.17 -21.90
C ALA A 87 -18.67 5.56 -22.50
N SER A 88 -19.83 5.73 -23.14
CA SER A 88 -20.38 7.04 -23.58
C SER A 88 -20.98 7.75 -22.35
N SER A 89 -21.21 9.06 -22.47
CA SER A 89 -21.80 9.95 -21.42
C SER A 89 -23.21 9.43 -21.01
N ASP A 90 -24.05 9.10 -22.00
CA ASP A 90 -25.38 8.45 -21.81
C ASP A 90 -25.28 7.36 -20.72
N LYS A 91 -24.49 6.29 -20.98
CA LYS A 91 -24.32 5.09 -20.09
C LYS A 91 -23.83 5.51 -18.70
N LEU A 92 -22.93 6.49 -18.65
CA LEU A 92 -22.28 6.95 -17.41
C LEU A 92 -23.33 7.45 -16.40
N GLN A 93 -24.32 8.22 -16.84
CA GLN A 93 -25.42 8.78 -16.00
C GLN A 93 -26.18 7.65 -15.28
N GLU A 94 -26.37 6.49 -15.93
CA GLU A 94 -26.96 5.25 -15.32
C GLU A 94 -26.07 4.77 -14.15
N TRP A 95 -24.79 4.61 -14.42
CA TRP A 95 -23.82 3.97 -13.48
C TRP A 95 -23.50 4.93 -12.33
N LEU A 96 -23.20 6.20 -12.66
CA LEU A 96 -22.77 7.25 -11.69
C LEU A 96 -24.02 7.94 -11.16
N ARG A 97 -24.41 7.65 -9.91
CA ARG A 97 -25.60 8.22 -9.23
C ARG A 97 -25.26 9.63 -8.71
N PHE A 122 -27.03 -6.10 -31.90
CA PHE A 122 -25.66 -6.07 -32.49
C PHE A 122 -24.72 -5.32 -31.52
N ASP A 123 -23.44 -5.69 -31.53
CA ASP A 123 -22.34 -5.12 -30.67
C ASP A 123 -22.08 -3.65 -31.07
N SER A 124 -22.19 -3.34 -32.37
CA SER A 124 -21.66 -2.09 -32.99
C SER A 124 -22.49 -0.88 -32.57
N SER A 125 -23.77 -1.10 -32.24
CA SER A 125 -24.72 -0.06 -31.76
C SER A 125 -24.93 -0.22 -30.24
N GLN A 126 -23.94 -0.77 -29.54
CA GLN A 126 -23.81 -0.72 -28.05
C GLN A 126 -22.69 0.24 -27.65
N PRO A 127 -22.98 1.34 -26.90
CA PRO A 127 -22.05 2.46 -26.77
C PRO A 127 -21.02 2.34 -25.63
N PHE A 128 -20.93 1.18 -25.02
CA PHE A 128 -19.95 0.87 -23.93
C PHE A 128 -19.37 -0.51 -24.15
N THR A 129 -18.41 -0.89 -23.31
CA THR A 129 -17.79 -2.23 -23.29
C THR A 129 -16.89 -2.34 -22.09
N LEU A 130 -17.06 -3.41 -21.33
CA LEU A 130 -16.27 -3.71 -20.10
C LEU A 130 -15.92 -5.19 -20.07
N VAL A 131 -14.70 -5.50 -19.65
CA VAL A 131 -14.27 -6.86 -19.26
C VAL A 131 -14.16 -6.88 -17.75
N THR A 132 -14.36 -8.04 -17.14
CA THR A 132 -14.29 -8.23 -15.68
C THR A 132 -12.95 -8.86 -15.31
N ILE A 133 -12.31 -8.30 -14.28
CA ILE A 133 -11.08 -8.83 -13.63
C ILE A 133 -11.41 -9.15 -12.18
N GLY A 134 -10.92 -10.29 -11.67
CA GLY A 134 -10.99 -10.63 -10.24
C GLY A 134 -10.28 -11.90 -9.95
N MET A 135 -9.81 -12.07 -8.70
CA MET A 135 -9.15 -13.33 -8.27
C MET A 135 -7.92 -13.55 -9.14
N GLN A 136 -7.29 -12.50 -9.63
CA GLN A 136 -6.07 -12.61 -10.46
C GLN A 136 -6.41 -13.36 -11.77
N LYS A 137 -7.62 -13.18 -12.26
CA LYS A 137 -8.12 -13.80 -13.50
C LYS A 137 -8.76 -12.74 -14.38
N PHE A 138 -8.64 -12.90 -15.69
CA PHE A 138 -9.29 -12.05 -16.72
C PHE A 138 -10.45 -12.84 -17.33
N PHE A 139 -11.68 -12.34 -17.23
CA PHE A 139 -12.91 -13.04 -17.72
C PHE A 139 -13.35 -12.46 -19.05
N ILE A 140 -13.30 -13.30 -20.09
CA ILE A 140 -13.75 -12.93 -21.46
C ILE A 140 -15.27 -12.92 -21.48
N PRO A 141 -15.91 -11.78 -21.83
CA PRO A 141 -17.35 -11.65 -21.74
C PRO A 141 -18.09 -12.71 -22.54
N LYS A 142 -17.66 -12.95 -23.78
CA LYS A 142 -18.33 -13.88 -24.73
C LYS A 142 -17.40 -14.11 -25.92
N SER A 143 -17.64 -15.15 -26.72
CA SER A 143 -17.07 -15.33 -28.08
C SER A 143 -18.19 -15.66 -29.06
N PRO A 144 -18.77 -14.66 -29.75
CA PRO A 144 -19.58 -14.89 -30.94
C PRO A 144 -18.78 -14.74 -32.25
N THR A 145 -19.35 -15.18 -33.37
CA THR A 145 -18.82 -15.00 -34.76
C THR A 145 -17.32 -15.38 -34.82
N SER A 146 -16.95 -16.52 -34.24
CA SER A 146 -15.56 -17.07 -34.22
C SER A 146 -15.58 -18.51 -33.67
N SER A 147 -15.79 -19.49 -34.56
CA SER A 147 -15.94 -20.94 -34.23
C SER A 147 -14.58 -21.65 -34.35
N ASN A 148 -13.57 -20.97 -34.91
CA ASN A 148 -12.24 -21.52 -35.31
C ASN A 148 -11.81 -22.63 -34.34
N GLU A 149 -11.68 -22.29 -33.04
CA GLU A 149 -11.05 -23.12 -31.98
C GLU A 149 -11.67 -22.73 -30.64
N PRO A 150 -12.05 -23.70 -29.76
CA PRO A 150 -12.57 -23.38 -28.43
C PRO A 150 -11.65 -22.41 -27.63
N GLU A 151 -12.19 -21.26 -27.24
CA GLU A 151 -11.46 -20.21 -26.47
C GLU A 151 -11.90 -20.25 -25.01
N ASN A 152 -10.94 -20.04 -24.10
CA ASN A 152 -11.12 -20.05 -22.64
C ASN A 152 -12.05 -18.92 -22.23
N ARG A 153 -12.91 -19.18 -21.24
CA ARG A 153 -13.75 -18.14 -20.56
C ARG A 153 -12.90 -17.39 -19.53
N VAL A 154 -11.92 -18.07 -18.95
CA VAL A 154 -11.02 -17.55 -17.90
C VAL A 154 -9.60 -17.58 -18.42
N LEU A 155 -8.90 -16.48 -18.27
CA LEU A 155 -7.44 -16.39 -18.50
C LEU A 155 -6.76 -15.87 -17.25
N PRO A 156 -5.46 -16.13 -17.08
CA PRO A 156 -4.69 -15.51 -16.00
C PRO A 156 -4.66 -14.00 -16.20
N MET A 157 -4.83 -13.21 -15.13
CA MET A 157 -4.77 -11.74 -15.23
C MET A 157 -3.38 -11.29 -15.66
N PRO A 158 -3.27 -10.54 -16.76
CA PRO A 158 -2.00 -9.92 -17.13
C PRO A 158 -1.58 -8.90 -16.06
N THR A 159 -0.30 -8.80 -15.75
CA THR A 159 0.21 -7.83 -14.77
C THR A 159 -0.10 -6.44 -15.32
N SER A 160 -0.06 -6.28 -16.63
CA SER A 160 -0.40 -5.03 -17.34
C SER A 160 -1.42 -5.32 -18.46
N ILE A 161 -2.51 -4.59 -18.48
CA ILE A 161 -3.61 -4.71 -19.48
C ILE A 161 -3.62 -3.47 -20.36
N GLY A 162 -3.76 -3.66 -21.67
CA GLY A 162 -3.86 -2.58 -22.66
C GLY A 162 -5.24 -2.52 -23.28
N ILE A 163 -5.71 -1.31 -23.59
CA ILE A 163 -6.95 -1.08 -24.38
C ILE A 163 -6.60 -0.23 -25.59
N PHE A 164 -7.02 -0.66 -26.78
CA PHE A 164 -6.95 0.08 -28.05
C PHE A 164 -8.39 0.37 -28.50
N LEU A 165 -8.75 1.65 -28.52
CA LEU A 165 -10.05 2.13 -29.06
C LEU A 165 -9.78 2.74 -30.43
N ASP A 166 -10.40 2.16 -31.46
CA ASP A 166 -10.37 2.65 -32.86
C ASP A 166 -11.75 3.21 -33.24
N CYS A 167 -11.91 4.53 -33.24
CA CYS A 167 -13.22 5.21 -33.46
C CYS A 167 -13.59 5.18 -34.95
N ASP A 168 -12.59 5.05 -35.82
CA ASP A 168 -12.81 4.98 -37.30
C ASP A 168 -13.51 3.65 -37.62
N LYS A 169 -13.08 2.54 -37.00
CA LYS A 169 -13.62 1.18 -37.24
C LYS A 169 -14.77 0.88 -36.27
N GLY A 170 -14.88 1.66 -35.20
CA GLY A 170 -15.80 1.38 -34.08
C GLY A 170 -15.47 0.07 -33.36
N LYS A 171 -14.19 -0.15 -33.04
CA LYS A 171 -13.70 -1.37 -32.34
C LYS A 171 -12.94 -0.99 -31.09
N VAL A 172 -13.01 -1.84 -30.08
CA VAL A 172 -12.15 -1.79 -28.88
C VAL A 172 -11.49 -3.16 -28.73
N ASN A 173 -10.18 -3.17 -28.48
CA ASN A 173 -9.38 -4.39 -28.26
C ASN A 173 -8.73 -4.32 -26.89
N PHE A 174 -8.67 -5.46 -26.19
CA PHE A 174 -8.02 -5.64 -24.86
C PHE A 174 -6.79 -6.53 -25.02
N TYR A 175 -5.67 -6.13 -24.44
CA TYR A 175 -4.37 -6.78 -24.66
C TYR A 175 -3.78 -7.18 -23.32
N ASP A 176 -3.19 -8.38 -23.28
CA ASP A 176 -2.21 -8.82 -22.29
C ASP A 176 -0.85 -8.25 -22.71
N MET A 177 -0.35 -7.28 -21.98
CA MET A 177 0.91 -6.57 -22.31
C MET A 177 2.12 -7.43 -21.93
N ASP A 178 1.96 -8.44 -21.09
CA ASP A 178 3.06 -9.39 -20.72
C ASP A 178 3.42 -10.20 -21.94
N GLN A 179 2.40 -10.65 -22.70
CA GLN A 179 2.53 -11.60 -23.84
C GLN A 179 2.40 -10.84 -25.16
N MET A 180 1.91 -9.60 -25.12
CA MET A 180 1.70 -8.74 -26.32
C MET A 180 0.66 -9.42 -27.23
N LYS A 181 -0.54 -9.66 -26.73
CA LYS A 181 -1.53 -10.59 -27.29
C LYS A 181 -2.93 -10.02 -27.06
N CYS A 182 -3.75 -9.94 -28.10
CA CYS A 182 -5.18 -9.53 -27.97
C CYS A 182 -5.96 -10.65 -27.28
N LEU A 183 -6.69 -10.33 -26.21
CA LEU A 183 -7.49 -11.32 -25.43
C LEU A 183 -8.95 -11.29 -25.88
N TYR A 184 -9.41 -10.15 -26.35
CA TYR A 184 -10.83 -9.86 -26.60
C TYR A 184 -10.95 -8.60 -27.45
N GLU A 185 -11.97 -8.55 -28.28
CA GLU A 185 -12.14 -7.55 -29.35
C GLU A 185 -13.63 -7.47 -29.65
N ARG A 186 -14.17 -6.26 -29.71
CA ARG A 186 -15.64 -6.05 -29.79
C ARG A 186 -15.93 -4.78 -30.58
N GLN A 187 -16.99 -4.81 -31.39
CA GLN A 187 -17.59 -3.60 -31.99
C GLN A 187 -18.14 -2.73 -30.87
N VAL A 188 -18.04 -1.42 -31.00
CA VAL A 188 -18.55 -0.42 -30.02
C VAL A 188 -19.01 0.84 -30.78
N ASP A 189 -20.09 1.47 -30.34
CA ASP A 189 -20.69 2.66 -30.99
C ASP A 189 -19.90 3.90 -30.57
N CYS A 190 -19.29 4.59 -31.53
CA CYS A 190 -18.39 5.77 -31.32
C CYS A 190 -19.03 7.03 -31.88
N SER A 191 -20.33 7.02 -32.10
CA SER A 191 -21.08 8.19 -32.63
C SER A 191 -21.01 9.33 -31.61
N HIS A 192 -20.94 8.99 -30.31
CA HIS A 192 -20.85 9.95 -29.18
C HIS A 192 -19.48 9.82 -28.51
N THR A 193 -19.09 10.82 -27.72
CA THR A 193 -17.80 10.84 -26.96
C THR A 193 -17.69 9.59 -26.10
N LEU A 194 -16.53 8.93 -26.12
CA LEU A 194 -16.22 7.74 -25.28
C LEU A 194 -15.14 8.10 -24.26
N TYR A 195 -15.25 7.59 -23.04
CA TYR A 195 -14.25 7.80 -21.95
C TYR A 195 -13.70 6.46 -21.51
N PRO A 196 -12.38 6.34 -21.24
CA PRO A 196 -11.86 5.25 -20.43
C PRO A 196 -12.70 5.12 -19.18
N ALA A 197 -13.20 3.92 -18.91
CA ALA A 197 -14.16 3.60 -17.84
C ALA A 197 -13.59 2.49 -16.96
N PHE A 198 -13.85 2.58 -15.67
CA PHE A 198 -13.42 1.61 -14.66
C PHE A 198 -14.50 1.48 -13.59
N ALA A 199 -14.56 0.33 -12.94
CA ALA A 199 -15.47 0.05 -11.81
C ALA A 199 -14.81 -0.90 -10.85
N LEU A 200 -15.01 -0.69 -9.55
CA LEU A 200 -14.41 -1.50 -8.48
C LEU A 200 -15.45 -1.75 -7.40
N MET A 201 -15.31 -2.88 -6.77
CA MET A 201 -16.22 -3.44 -5.75
C MET A 201 -15.37 -4.32 -4.82
N GLY A 202 -15.72 -4.43 -3.55
CA GLY A 202 -14.84 -5.02 -2.52
C GLY A 202 -13.53 -4.31 -2.52
N SER A 203 -12.47 -4.91 -2.05
CA SER A 203 -11.16 -4.22 -2.08
C SER A 203 -10.51 -4.45 -3.47
N GLY A 204 -9.82 -3.46 -4.00
CA GLY A 204 -9.07 -3.61 -5.26
C GLY A 204 -8.39 -2.33 -5.63
N GLY A 205 -7.68 -2.31 -6.75
CA GLY A 205 -6.87 -1.16 -7.17
C GLY A 205 -6.50 -1.21 -8.64
N ILE A 206 -6.44 -0.05 -9.26
CA ILE A 206 -6.03 0.15 -10.66
C ILE A 206 -5.05 1.30 -10.71
N GLN A 207 -3.92 1.08 -11.38
CA GLN A 207 -2.82 2.06 -11.54
C GLN A 207 -2.62 2.31 -13.05
N LEU A 208 -2.82 3.54 -13.51
CA LEU A 208 -2.56 3.95 -14.89
C LEU A 208 -1.06 3.94 -15.12
N GLU A 209 -0.64 3.35 -16.23
CA GLU A 209 0.78 3.13 -16.56
C GLU A 209 1.22 4.14 -17.61
N GLU A 210 2.44 4.56 -17.54
CA GLU A 210 3.06 5.42 -18.53
C GLU A 210 3.99 4.57 -19.36
N PRO A 211 4.12 4.85 -20.67
CA PRO A 211 5.00 4.08 -21.52
C PRO A 211 6.45 4.33 -21.11
N ILE A 212 7.30 3.33 -21.28
CA ILE A 212 8.73 3.38 -20.86
C ILE A 212 9.40 4.61 -21.50
N THR A 213 8.90 5.08 -22.64
CA THR A 213 9.44 6.24 -23.40
C THR A 213 9.29 7.53 -22.55
N ALA A 214 8.22 7.60 -21.77
CA ALA A 214 7.94 8.71 -20.82
C ALA A 214 8.98 8.70 -19.68
N LYS A 215 9.41 7.52 -19.28
CA LYS A 215 10.37 7.33 -18.16
C LYS A 215 11.75 7.85 -18.58
N TYR A 216 12.16 7.57 -19.80
CA TYR A 216 13.47 7.95 -20.35
C TYR A 216 13.53 9.48 -20.50
N LEU A 217 12.40 10.11 -20.81
CA LEU A 217 12.26 11.59 -20.93
C LEU A 217 12.29 12.22 -19.52
N GLU A 218 11.62 11.61 -18.55
CA GLU A 218 11.67 12.02 -17.12
C GLU A 218 13.15 12.00 -16.67
N TYR A 219 13.87 10.93 -16.94
CA TYR A 219 15.30 10.78 -16.54
C TYR A 219 16.14 11.95 -17.12
N GLN A 220 15.98 12.25 -18.41
CA GLN A 220 16.71 13.37 -19.05
C GLN A 220 16.47 14.62 -18.22
N GLU A 221 15.21 14.87 -17.86
CA GLU A 221 14.78 16.09 -17.17
C GLU A 221 15.45 16.14 -15.79
N ASP A 222 15.52 15.01 -15.10
CA ASP A 222 16.03 14.92 -13.71
C ASP A 222 17.53 15.22 -13.75
N MET A 223 18.20 14.70 -14.73
CA MET A 223 19.65 14.89 -14.90
C MET A 223 19.92 16.35 -15.32
N ALA A 224 19.09 16.93 -16.17
CA ALA A 224 19.27 18.31 -16.71
C ALA A 224 19.10 19.33 -15.59
N GLU A 225 18.10 19.13 -14.71
CA GLU A 225 17.59 20.14 -13.78
C GLU A 225 18.19 19.95 -12.39
N ASN A 226 18.46 18.70 -11.96
CA ASN A 226 18.51 18.37 -10.51
C ASN A 226 19.83 17.71 -10.09
N LEU A 227 20.85 17.77 -10.93
CA LEU A 227 22.20 17.23 -10.64
C LEU A 227 23.12 18.36 -10.18
N TYR A 228 23.44 18.42 -8.89
CA TYR A 228 24.28 19.47 -8.24
C TYR A 228 25.63 18.90 -7.82
N PHE A 229 26.61 19.76 -7.61
CA PHE A 229 27.84 19.45 -6.88
C PHE A 229 27.53 19.31 -5.38
N GLN A 230 28.40 18.57 -4.69
CA GLN A 230 28.46 18.39 -3.23
C GLN A 230 28.54 19.77 -2.57
N ALA B 5 0.88 -16.09 28.37
CA ALA B 5 0.17 -17.41 28.39
C ALA B 5 0.79 -18.37 27.38
N PRO B 6 0.53 -19.69 27.51
CA PRO B 6 1.02 -20.67 26.54
C PRO B 6 0.45 -20.47 25.12
N VAL B 7 1.30 -20.63 24.12
CA VAL B 7 0.94 -20.52 22.67
C VAL B 7 -0.01 -21.67 22.32
N PHE B 8 -1.19 -21.33 21.83
CA PHE B 8 -2.25 -22.27 21.41
C PHE B 8 -2.06 -22.57 19.92
N SER B 9 -1.77 -23.82 19.59
CA SER B 9 -1.47 -24.27 18.20
C SER B 9 -2.74 -24.84 17.54
N PHE B 10 -3.11 -24.32 16.38
CA PHE B 10 -4.28 -24.79 15.59
C PHE B 10 -4.17 -24.38 14.12
N LEU B 11 -5.10 -24.88 13.32
CA LEU B 11 -5.25 -24.55 11.89
C LEU B 11 -6.72 -24.25 11.61
N PHE B 12 -7.02 -23.65 10.44
CA PHE B 12 -8.41 -23.44 9.99
C PHE B 12 -9.06 -24.81 9.87
N ASP B 13 -10.32 -24.91 10.27
CA ASP B 13 -11.11 -26.17 10.20
C ASP B 13 -11.62 -26.36 8.76
N GLU B 14 -11.06 -27.34 8.04
CA GLU B 14 -11.42 -27.67 6.62
C GLU B 14 -12.86 -28.18 6.52
N LYS B 15 -13.48 -28.55 7.64
CA LYS B 15 -14.79 -29.29 7.66
C LYS B 15 -15.85 -28.51 8.46
N CYS B 16 -15.63 -27.25 8.82
CA CYS B 16 -16.56 -26.46 9.69
C CYS B 16 -17.76 -25.88 8.89
N GLY B 17 -17.91 -26.23 7.61
CA GLY B 17 -19.07 -25.82 6.77
C GLY B 17 -18.92 -24.42 6.20
N TYR B 18 -17.69 -23.92 6.09
CA TYR B 18 -17.39 -22.58 5.54
C TYR B 18 -17.77 -22.52 4.06
N ASN B 19 -17.95 -21.32 3.57
CA ASN B 19 -18.44 -21.02 2.20
C ASN B 19 -17.27 -21.08 1.23
N ASN B 20 -17.05 -22.23 0.59
CA ASN B 20 -15.83 -22.50 -0.21
C ASN B 20 -16.00 -21.89 -1.62
N GLU B 21 -17.17 -21.33 -1.96
CA GLU B 21 -17.32 -20.47 -3.16
C GLU B 21 -16.47 -19.19 -2.97
N HIS B 22 -16.44 -18.61 -1.75
CA HIS B 22 -15.85 -17.28 -1.47
C HIS B 22 -14.53 -17.39 -0.68
N LEU B 23 -14.31 -18.48 0.03
CA LEU B 23 -13.13 -18.68 0.90
C LEU B 23 -12.27 -19.81 0.36
N LEU B 24 -10.98 -19.55 0.20
CA LEU B 24 -10.02 -20.54 -0.27
C LEU B 24 -8.98 -20.76 0.82
N LEU B 25 -8.90 -22.00 1.31
CA LEU B 25 -7.86 -22.46 2.26
C LEU B 25 -6.69 -22.96 1.46
N ASN B 26 -5.48 -22.70 1.92
CA ASN B 26 -4.26 -23.33 1.37
C ASN B 26 -4.16 -24.75 1.94
N LEU B 27 -3.33 -25.56 1.35
CA LEU B 27 -3.17 -26.99 1.70
C LEU B 27 -2.81 -27.12 3.18
N LYS B 28 -1.97 -26.21 3.69
CA LYS B 28 -1.43 -26.27 5.08
C LYS B 28 -2.51 -25.84 6.07
N ARG B 29 -3.58 -25.20 5.58
CA ARG B 29 -4.74 -24.76 6.35
C ARG B 29 -4.32 -23.65 7.33
N ASP B 30 -3.33 -22.85 6.98
CA ASP B 30 -2.83 -21.76 7.83
C ASP B 30 -3.11 -20.42 7.15
N ARG B 31 -3.76 -20.45 5.98
CA ARG B 31 -4.10 -19.22 5.24
C ARG B 31 -5.49 -19.38 4.65
N VAL B 32 -6.32 -18.37 4.79
CA VAL B 32 -7.63 -18.27 4.10
C VAL B 32 -7.67 -16.95 3.35
N GLU B 33 -8.16 -16.99 2.12
CA GLU B 33 -8.39 -15.81 1.27
C GLU B 33 -9.88 -15.74 0.95
N SER B 34 -10.39 -14.52 0.96
CA SER B 34 -11.75 -14.12 0.56
C SER B 34 -11.71 -13.68 -0.91
N ARG B 35 -12.72 -14.03 -1.69
CA ARG B 35 -12.77 -13.73 -3.16
C ARG B 35 -14.22 -13.67 -3.59
N ALA B 36 -14.48 -13.18 -4.80
CA ALA B 36 -15.81 -13.17 -5.43
C ALA B 36 -16.19 -14.59 -5.85
N GLY B 37 -15.19 -15.40 -6.22
CA GLY B 37 -15.38 -16.78 -6.71
C GLY B 37 -15.74 -16.81 -8.16
N PHE B 38 -15.64 -17.99 -8.80
CA PHE B 38 -15.85 -18.18 -10.26
C PHE B 38 -17.32 -17.87 -10.65
N ASN B 39 -18.30 -18.32 -9.87
CA ASN B 39 -19.73 -18.33 -10.31
C ASN B 39 -20.22 -16.87 -10.43
N LEU B 40 -19.86 -16.02 -9.49
CA LEU B 40 -20.16 -14.58 -9.49
C LEU B 40 -19.43 -13.90 -10.64
N LEU B 41 -18.13 -14.09 -10.77
CA LEU B 41 -17.31 -13.40 -11.79
C LEU B 41 -17.71 -13.82 -13.19
N LEU B 42 -18.09 -15.09 -13.40
CA LEU B 42 -18.55 -15.57 -14.74
C LEU B 42 -19.92 -14.96 -15.09
N ALA B 43 -20.64 -14.45 -14.10
CA ALA B 43 -21.99 -13.86 -14.20
C ALA B 43 -21.94 -12.32 -14.04
N ALA B 44 -20.75 -11.71 -14.10
CA ALA B 44 -20.52 -10.31 -13.67
C ALA B 44 -21.21 -9.32 -14.64
N GLU B 45 -21.56 -9.72 -15.86
CA GLU B 45 -22.39 -8.91 -16.80
C GLU B 45 -23.70 -8.51 -16.10
N ARG B 46 -24.24 -9.38 -15.26
CA ARG B 46 -25.51 -9.16 -14.53
C ARG B 46 -25.32 -8.10 -13.45
N ILE B 47 -24.09 -7.90 -12.98
CA ILE B 47 -23.78 -6.92 -11.90
C ILE B 47 -23.49 -5.55 -12.52
N GLN B 48 -24.39 -4.60 -12.34
CA GLN B 48 -24.36 -3.29 -13.02
C GLN B 48 -24.10 -2.18 -12.01
N VAL B 49 -24.74 -2.24 -10.84
CA VAL B 49 -24.70 -1.14 -9.81
C VAL B 49 -24.19 -1.69 -8.46
N GLY B 50 -24.33 -2.99 -8.21
CA GLY B 50 -24.04 -3.62 -6.90
C GLY B 50 -24.34 -5.11 -6.88
N TYR B 51 -24.04 -5.76 -5.76
CA TYR B 51 -24.36 -7.17 -5.44
C TYR B 51 -24.24 -7.33 -3.92
N TYR B 52 -25.08 -8.20 -3.34
CA TYR B 52 -25.08 -8.52 -1.91
C TYR B 52 -23.93 -9.48 -1.64
N THR B 53 -22.88 -9.00 -1.00
CA THR B 53 -21.65 -9.77 -0.68
C THR B 53 -21.79 -10.33 0.74
N SER B 54 -21.78 -11.64 0.88
CA SER B 54 -22.02 -12.33 2.18
C SER B 54 -20.80 -12.14 3.08
N LEU B 55 -21.03 -12.05 4.38
CA LEU B 55 -19.95 -12.19 5.39
C LEU B 55 -19.75 -13.68 5.68
N ASP B 56 -18.58 -14.22 5.35
CA ASP B 56 -18.29 -15.66 5.40
C ASP B 56 -17.45 -15.94 6.65
N TYR B 57 -17.96 -16.76 7.57
CA TYR B 57 -17.27 -17.15 8.82
C TYR B 57 -16.45 -18.43 8.62
N ILE B 58 -15.40 -18.58 9.43
CA ILE B 58 -14.58 -19.81 9.51
C ILE B 58 -13.93 -19.85 10.90
N ILE B 59 -13.68 -21.04 11.45
CA ILE B 59 -13.18 -21.22 12.84
C ILE B 59 -11.90 -22.05 12.81
N GLY B 60 -11.15 -22.03 13.91
CA GLY B 60 -10.04 -22.95 14.17
C GLY B 60 -10.54 -24.36 14.39
N ASP B 61 -9.64 -25.32 14.27
CA ASP B 61 -9.95 -26.77 14.28
C ASP B 61 -9.88 -27.31 15.72
N THR B 62 -9.56 -26.48 16.71
CA THR B 62 -9.31 -26.93 18.11
C THR B 62 -10.07 -26.03 19.08
N GLY B 63 -10.90 -26.62 19.94
CA GLY B 63 -11.71 -25.90 20.93
C GLY B 63 -10.95 -25.64 22.23
N ILE B 64 -11.33 -24.57 22.93
CA ILE B 64 -10.84 -24.24 24.31
C ILE B 64 -12.02 -24.37 25.29
N THR B 65 -11.83 -25.18 26.35
CA THR B 65 -12.85 -25.45 27.40
C THR B 65 -12.40 -24.80 28.73
N LYS B 66 -11.10 -24.52 28.88
CA LYS B 66 -10.46 -24.13 30.16
C LYS B 66 -9.08 -23.54 29.88
N GLY B 67 -8.51 -22.83 30.86
CA GLY B 67 -7.11 -22.39 30.86
C GLY B 67 -6.91 -21.05 30.13
N LYS B 68 -5.65 -20.63 30.04
CA LYS B 68 -5.19 -19.38 29.39
C LYS B 68 -4.48 -19.74 28.07
N HIS B 69 -4.89 -19.13 26.98
CA HIS B 69 -4.44 -19.48 25.61
C HIS B 69 -4.17 -18.22 24.81
N PHE B 70 -3.02 -18.18 24.13
CA PHE B 70 -2.56 -17.08 23.26
C PHE B 70 -2.36 -17.60 21.82
N TRP B 71 -2.80 -16.84 20.85
CA TRP B 71 -2.49 -17.08 19.43
C TRP B 71 -2.41 -15.75 18.68
N ALA B 72 -1.75 -15.75 17.52
CA ALA B 72 -1.47 -14.57 16.71
C ALA B 72 -1.70 -14.86 15.22
N PHE B 73 -1.95 -13.83 14.45
CA PHE B 73 -2.18 -13.95 13.00
C PHE B 73 -1.90 -12.60 12.34
N ARG B 74 -1.70 -12.61 11.02
CA ARG B 74 -1.63 -11.39 10.18
C ARG B 74 -2.85 -11.35 9.26
N VAL B 75 -3.49 -10.20 9.19
CA VAL B 75 -4.55 -9.88 8.20
C VAL B 75 -3.90 -9.11 7.06
N GLU B 76 -4.20 -9.48 5.81
CA GLU B 76 -3.70 -8.77 4.61
C GLU B 76 -4.13 -7.32 4.70
N PRO B 77 -3.21 -6.35 4.55
CA PRO B 77 -3.54 -4.94 4.70
C PRO B 77 -4.64 -4.47 3.75
N TYR B 78 -4.79 -5.12 2.61
CA TYR B 78 -5.75 -4.71 1.54
C TYR B 78 -7.17 -5.15 1.91
N SER B 79 -7.31 -5.97 2.95
CA SER B 79 -8.56 -6.65 3.32
C SER B 79 -9.70 -5.63 3.39
N TYR B 80 -10.79 -5.91 2.69
CA TYR B 80 -12.00 -5.05 2.65
C TYR B 80 -12.58 -4.97 4.05
N LEU B 81 -12.94 -6.12 4.60
CA LEU B 81 -13.60 -6.26 5.92
C LEU B 81 -13.32 -7.65 6.47
N VAL B 82 -12.68 -7.70 7.61
CA VAL B 82 -12.30 -8.95 8.30
C VAL B 82 -12.68 -8.81 9.77
N LYS B 83 -13.23 -9.86 10.36
CA LYS B 83 -13.50 -9.92 11.82
C LYS B 83 -12.67 -11.04 12.42
N VAL B 84 -12.16 -10.83 13.61
CA VAL B 84 -11.34 -11.83 14.33
C VAL B 84 -11.74 -11.83 15.80
N GLY B 85 -11.78 -13.00 16.42
CA GLY B 85 -11.98 -13.15 17.86
C GLY B 85 -12.28 -14.59 18.22
N VAL B 86 -13.43 -14.82 18.87
CA VAL B 86 -13.84 -16.14 19.41
C VAL B 86 -15.36 -16.28 19.24
N ALA B 87 -15.82 -17.50 19.26
CA ALA B 87 -17.24 -17.87 19.22
C ALA B 87 -17.44 -19.11 20.07
N SER B 88 -18.53 -19.10 20.85
CA SER B 88 -18.97 -20.26 21.65
C SER B 88 -19.65 -21.26 20.71
N SER B 89 -19.69 -22.51 21.12
CA SER B 89 -20.29 -23.64 20.36
C SER B 89 -21.79 -23.41 20.12
N ASP B 90 -22.51 -22.87 21.10
CA ASP B 90 -23.96 -22.51 21.04
C ASP B 90 -24.32 -21.95 19.65
N LYS B 91 -24.84 -22.82 18.78
CA LYS B 91 -25.42 -22.48 17.45
C LYS B 91 -24.31 -22.13 16.44
N LEU B 92 -23.06 -22.50 16.72
CA LEU B 92 -21.88 -22.16 15.86
C LEU B 92 -22.04 -22.84 14.49
N GLN B 93 -22.39 -24.13 14.48
CA GLN B 93 -22.52 -24.96 13.26
C GLN B 93 -23.59 -24.35 12.34
N GLU B 94 -24.65 -23.79 12.92
CA GLU B 94 -25.73 -23.13 12.15
C GLU B 94 -25.21 -21.82 11.54
N TRP B 95 -24.49 -21.02 12.32
CA TRP B 95 -23.94 -19.71 11.88
C TRP B 95 -22.91 -19.90 10.76
N LEU B 96 -21.99 -20.86 10.91
CA LEU B 96 -20.93 -21.14 9.92
C LEU B 96 -21.58 -21.42 8.54
N ARG B 97 -22.66 -22.19 8.54
CA ARG B 97 -23.25 -22.75 7.30
C ARG B 97 -24.21 -21.73 6.66
N SER B 98 -25.01 -21.04 7.45
CA SER B 98 -26.06 -20.11 6.94
C SER B 98 -26.34 -19.04 7.99
N PRO B 99 -25.51 -17.98 8.06
CA PRO B 99 -25.78 -16.87 8.97
C PRO B 99 -27.20 -16.33 8.72
N ARG B 100 -27.68 -16.45 7.46
CA ARG B 100 -29.00 -15.98 6.98
C ARG B 100 -30.11 -16.58 7.84
N ASP B 101 -30.01 -17.88 8.13
CA ASP B 101 -31.07 -18.67 8.82
C ASP B 101 -30.82 -18.68 10.34
N ALA B 102 -29.57 -18.49 10.78
CA ALA B 102 -29.14 -18.55 12.20
C ALA B 102 -29.66 -17.32 13.00
N VAL B 103 -30.12 -16.28 12.29
CA VAL B 103 -30.10 -14.85 12.76
C VAL B 103 -31.54 -14.35 12.92
N SER B 124 -25.74 -11.35 22.24
CA SER B 124 -25.76 -12.49 23.20
C SER B 124 -26.81 -13.56 22.76
N SER B 125 -27.54 -13.33 21.65
CA SER B 125 -28.27 -14.39 20.87
C SER B 125 -27.47 -14.76 19.62
N GLN B 126 -26.16 -14.52 19.64
CA GLN B 126 -25.17 -14.94 18.60
C GLN B 126 -23.86 -15.24 19.31
N PRO B 127 -23.06 -16.22 18.82
CA PRO B 127 -21.96 -16.78 19.61
C PRO B 127 -20.63 -16.04 19.52
N PHE B 128 -20.51 -14.96 18.70
CA PHE B 128 -19.20 -14.37 18.27
C PHE B 128 -18.89 -13.13 19.12
N THR B 129 -17.60 -12.98 19.51
CA THR B 129 -16.99 -11.74 20.04
C THR B 129 -15.81 -11.35 19.16
N LEU B 130 -15.97 -10.28 18.40
CA LEU B 130 -15.12 -9.98 17.20
C LEU B 130 -14.73 -8.51 17.18
N VAL B 131 -13.52 -8.22 16.73
CA VAL B 131 -13.10 -6.85 16.32
C VAL B 131 -13.05 -6.84 14.79
N THR B 132 -13.29 -5.70 14.18
CA THR B 132 -13.31 -5.53 12.73
C THR B 132 -11.98 -4.91 12.28
N ILE B 133 -11.41 -5.44 11.20
CA ILE B 133 -10.22 -4.94 10.47
C ILE B 133 -10.66 -4.57 9.06
N GLY B 134 -10.21 -3.42 8.55
CA GLY B 134 -10.36 -3.00 7.16
C GLY B 134 -9.71 -1.68 6.90
N MET B 135 -9.34 -1.40 5.65
CA MET B 135 -8.70 -0.12 5.27
C MET B 135 -7.39 0.06 6.06
N GLN B 136 -6.70 -1.02 6.39
CA GLN B 136 -5.40 -0.95 7.12
CA GLN B 136 -5.40 -0.97 7.13
C GLN B 136 -5.65 -0.43 8.54
N LYS B 137 -6.86 -0.63 9.07
CA LYS B 137 -7.29 -0.04 10.36
C LYS B 137 -7.94 -1.12 11.25
N PHE B 138 -7.81 -0.93 12.54
CA PHE B 138 -8.38 -1.78 13.61
C PHE B 138 -9.50 -1.00 14.28
N PHE B 139 -10.74 -1.53 14.23
CA PHE B 139 -11.95 -0.87 14.77
C PHE B 139 -12.34 -1.52 16.11
N ILE B 140 -12.25 -0.74 17.18
CA ILE B 140 -12.75 -1.08 18.53
C ILE B 140 -14.27 -1.05 18.52
N PRO B 141 -14.94 -2.15 18.89
CA PRO B 141 -16.39 -2.19 18.92
C PRO B 141 -16.96 -1.04 19.75
N LYS B 142 -18.12 -0.53 19.36
CA LYS B 142 -18.96 0.34 20.20
C LYS B 142 -19.41 -0.46 21.45
N SER B 143 -19.51 0.21 22.58
CA SER B 143 -20.26 -0.29 23.78
C SER B 143 -21.33 0.73 24.17
N PRO B 144 -22.38 0.31 24.90
CA PRO B 144 -23.43 1.24 25.36
C PRO B 144 -22.99 2.18 26.48
N THR B 145 -23.85 3.16 26.82
CA THR B 145 -23.68 4.15 27.92
C THR B 145 -22.31 4.83 27.79
N SER B 146 -21.82 5.46 28.88
CA SER B 146 -20.52 6.17 28.98
C SER B 146 -20.50 7.38 28.04
N SER B 147 -21.68 7.86 27.61
CA SER B 147 -21.84 9.00 26.68
C SER B 147 -20.95 10.17 27.14
N ASN B 148 -20.76 10.31 28.45
CA ASN B 148 -20.05 11.44 29.13
C ASN B 148 -18.85 11.90 28.28
N GLU B 149 -17.90 11.00 27.98
CA GLU B 149 -16.61 11.31 27.28
C GLU B 149 -16.16 10.12 26.44
N PRO B 150 -16.03 10.27 25.10
CA PRO B 150 -15.76 9.14 24.20
C PRO B 150 -14.27 8.83 23.93
N GLU B 151 -13.94 7.57 23.66
CA GLU B 151 -12.57 7.12 23.26
C GLU B 151 -12.55 6.87 21.75
N ASN B 152 -11.44 7.23 21.09
CA ASN B 152 -11.20 7.03 19.64
C ASN B 152 -11.22 5.53 19.32
N ARG B 153 -11.97 5.12 18.30
CA ARG B 153 -12.30 3.71 18.01
C ARG B 153 -11.37 3.21 16.87
N VAL B 154 -10.66 4.11 16.18
CA VAL B 154 -10.02 3.80 14.88
C VAL B 154 -8.51 3.81 15.07
N LEU B 155 -7.88 2.67 15.00
CA LEU B 155 -6.43 2.51 15.27
C LEU B 155 -5.77 1.92 14.03
N PRO B 156 -4.43 2.09 13.89
CA PRO B 156 -3.71 1.45 12.78
C PRO B 156 -3.82 -0.07 12.95
N MET B 157 -4.03 -0.80 11.86
CA MET B 157 -4.01 -2.29 11.90
C MET B 157 -2.58 -2.73 12.23
N PRO B 158 -2.40 -3.51 13.31
CA PRO B 158 -1.08 -4.09 13.60
C PRO B 158 -0.71 -5.07 12.50
N THR B 159 0.59 -5.19 12.18
CA THR B 159 1.04 -6.17 11.16
C THR B 159 0.75 -7.57 11.70
N SER B 160 0.81 -7.74 13.01
CA SER B 160 0.49 -9.01 13.72
C SER B 160 -0.44 -8.73 14.88
N ILE B 161 -1.55 -9.44 14.95
CA ILE B 161 -2.58 -9.28 15.99
C ILE B 161 -2.56 -10.51 16.88
N GLY B 162 -2.59 -10.30 18.19
CA GLY B 162 -2.59 -11.35 19.20
C GLY B 162 -3.93 -11.40 19.92
N ILE B 163 -4.39 -12.60 20.24
CA ILE B 163 -5.56 -12.81 21.13
C ILE B 163 -5.12 -13.64 22.34
N PHE B 164 -5.46 -13.18 23.53
CA PHE B 164 -5.32 -13.92 24.81
C PHE B 164 -6.73 -14.20 25.35
N LEU B 165 -7.10 -15.47 25.39
CA LEU B 165 -8.34 -15.95 26.01
C LEU B 165 -8.00 -16.56 27.35
N ASP B 166 -8.55 -15.97 28.42
CA ASP B 166 -8.42 -16.44 29.82
C ASP B 166 -9.77 -16.98 30.31
N CYS B 167 -9.95 -18.30 30.33
CA CYS B 167 -11.25 -18.97 30.62
C CYS B 167 -11.53 -18.89 32.12
N ASP B 168 -10.49 -18.77 32.94
CA ASP B 168 -10.62 -18.67 34.42
C ASP B 168 -11.28 -17.31 34.77
N LYS B 169 -10.89 -16.23 34.08
CA LYS B 169 -11.43 -14.86 34.29
C LYS B 169 -12.67 -14.64 33.41
N GLY B 170 -12.82 -15.41 32.34
CA GLY B 170 -13.81 -15.19 31.28
C GLY B 170 -13.55 -13.90 30.52
N LYS B 171 -12.30 -13.67 30.12
CA LYS B 171 -11.87 -12.46 29.38
C LYS B 171 -11.17 -12.86 28.09
N VAL B 172 -11.29 -12.02 27.08
CA VAL B 172 -10.47 -12.08 25.87
C VAL B 172 -9.85 -10.71 25.67
N ASN B 173 -8.55 -10.70 25.36
CA ASN B 173 -7.75 -9.49 25.11
C ASN B 173 -7.19 -9.56 23.69
N PHE B 174 -7.16 -8.41 23.00
CA PHE B 174 -6.62 -8.23 21.64
C PHE B 174 -5.37 -7.35 21.70
N TYR B 175 -4.31 -7.76 21.05
CA TYR B 175 -2.98 -7.11 21.17
C TYR B 175 -2.48 -6.70 19.79
N ASP B 176 -1.93 -5.48 19.71
CA ASP B 176 -0.97 -5.06 18.69
C ASP B 176 0.40 -5.64 19.06
N MET B 177 0.87 -6.62 18.29
CA MET B 177 2.12 -7.34 18.59
C MET B 177 3.33 -6.51 18.17
N ASP B 178 3.15 -5.49 17.33
CA ASP B 178 4.25 -4.58 16.92
C ASP B 178 4.67 -3.76 18.13
N GLN B 179 3.70 -3.28 18.90
CA GLN B 179 3.90 -2.35 20.06
C GLN B 179 3.83 -3.12 21.37
N MET B 180 3.30 -4.35 21.36
CA MET B 180 3.09 -5.19 22.57
C MET B 180 2.12 -4.47 23.51
N LYS B 181 0.92 -4.19 23.03
CA LYS B 181 -0.02 -3.22 23.62
C LYS B 181 -1.41 -3.81 23.46
N CYS B 182 -2.17 -3.89 24.54
CA CYS B 182 -3.58 -4.31 24.50
C CYS B 182 -4.42 -3.21 23.88
N LEU B 183 -5.20 -3.52 22.87
CA LEU B 183 -6.03 -2.54 22.13
C LEU B 183 -7.47 -2.57 22.65
N TYR B 184 -7.89 -3.69 23.18
CA TYR B 184 -9.30 -3.97 23.53
C TYR B 184 -9.35 -5.22 24.38
N GLU B 185 -10.33 -5.26 25.26
CA GLU B 185 -10.50 -6.32 26.27
C GLU B 185 -11.99 -6.42 26.55
N ARG B 186 -12.53 -7.62 26.59
CA ARG B 186 -13.97 -7.83 26.81
C ARG B 186 -14.19 -9.06 27.68
N GLN B 187 -15.15 -9.00 28.59
CA GLN B 187 -15.73 -10.18 29.27
C GLN B 187 -16.40 -11.06 28.22
N VAL B 188 -16.27 -12.37 28.35
CA VAL B 188 -16.83 -13.33 27.40
C VAL B 188 -17.27 -14.57 28.18
N ASP B 189 -18.41 -15.14 27.80
CA ASP B 189 -19.04 -16.32 28.44
C ASP B 189 -18.25 -17.58 28.05
N CYS B 190 -17.68 -18.30 29.03
CA CYS B 190 -16.82 -19.50 28.84
C CYS B 190 -17.52 -20.77 29.34
N SER B 191 -18.84 -20.72 29.49
CA SER B 191 -19.65 -21.87 29.94
C SER B 191 -19.59 -22.96 28.85
N HIS B 192 -19.45 -22.56 27.60
CA HIS B 192 -19.38 -23.47 26.42
C HIS B 192 -17.95 -23.45 25.85
N THR B 193 -17.60 -24.47 25.08
CA THR B 193 -16.35 -24.53 24.28
C THR B 193 -16.26 -23.26 23.42
N LEU B 194 -15.08 -22.63 23.41
CA LEU B 194 -14.78 -21.43 22.59
C LEU B 194 -13.80 -21.82 21.49
N TYR B 195 -14.03 -21.30 20.29
CA TYR B 195 -13.16 -21.52 19.11
C TYR B 195 -12.62 -20.17 18.63
N PRO B 196 -11.34 -20.09 18.23
CA PRO B 196 -10.88 -18.98 17.41
C PRO B 196 -11.84 -18.84 16.21
N ALA B 197 -12.33 -17.64 15.97
CA ALA B 197 -13.35 -17.33 14.95
C ALA B 197 -12.88 -16.19 14.07
N PHE B 198 -13.26 -16.25 12.80
CA PHE B 198 -12.91 -15.27 11.76
C PHE B 198 -14.08 -15.12 10.78
N ALA B 199 -14.20 -13.95 10.19
CA ALA B 199 -15.13 -13.68 9.08
C ALA B 199 -14.48 -12.72 8.09
N LEU B 200 -14.79 -12.91 6.82
CA LEU B 200 -14.23 -12.14 5.70
C LEU B 200 -15.36 -11.78 4.76
N MET B 201 -15.27 -10.60 4.19
CA MET B 201 -16.22 -10.03 3.23
C MET B 201 -15.41 -9.24 2.19
N GLY B 202 -15.81 -9.28 0.92
CA GLY B 202 -15.00 -8.73 -0.19
C GLY B 202 -13.66 -9.41 -0.17
N SER B 203 -12.64 -8.86 -0.76
CA SER B 203 -11.35 -9.56 -0.88
C SER B 203 -10.52 -9.29 0.38
N GLY B 204 -9.85 -10.31 0.89
CA GLY B 204 -9.04 -10.21 2.09
C GLY B 204 -8.42 -11.54 2.42
N GLY B 205 -7.61 -11.58 3.49
CA GLY B 205 -6.74 -12.73 3.80
C GLY B 205 -6.32 -12.75 5.23
N ILE B 206 -6.23 -13.93 5.82
CA ILE B 206 -5.70 -14.15 7.20
C ILE B 206 -4.71 -15.29 7.17
N GLN B 207 -3.56 -15.10 7.80
CA GLN B 207 -2.46 -16.08 7.90
C GLN B 207 -2.16 -16.32 9.40
N LEU B 208 -2.36 -17.53 9.87
CA LEU B 208 -2.03 -17.96 11.24
C LEU B 208 -0.53 -18.06 11.37
N GLU B 209 0.09 -17.42 12.34
CA GLU B 209 1.53 -17.61 12.62
C GLU B 209 1.90 -16.88 13.89
N GLU B 210 2.85 -17.42 14.65
CA GLU B 210 3.56 -16.67 15.74
C GLU B 210 4.11 -15.37 15.19
N PRO B 211 4.02 -14.25 15.95
CA PRO B 211 4.55 -12.97 15.49
C PRO B 211 6.08 -13.05 15.29
N ILE B 212 6.60 -12.28 14.33
CA ILE B 212 8.07 -12.11 14.06
C ILE B 212 8.41 -10.61 14.11
N THR B 213 7.66 -9.82 14.89
CA THR B 213 7.92 -8.37 15.17
C THR B 213 9.04 -8.27 16.22
N ALA B 214 9.80 -7.15 16.20
CA ALA B 214 11.01 -6.91 17.02
C ALA B 214 10.66 -6.99 18.52
N LYS B 215 9.56 -6.37 18.92
CA LYS B 215 9.18 -6.20 20.35
C LYS B 215 8.75 -7.55 20.94
N TYR B 216 7.98 -8.34 20.18
CA TYR B 216 7.50 -9.69 20.62
C TYR B 216 8.70 -10.64 20.79
N LEU B 217 9.73 -10.49 19.95
CA LEU B 217 11.00 -11.29 20.01
C LEU B 217 11.82 -10.85 21.24
N GLU B 218 11.92 -9.53 21.49
CA GLU B 218 12.56 -8.96 22.71
C GLU B 218 11.93 -9.61 23.96
N TYR B 219 10.59 -9.62 24.04
CA TYR B 219 9.79 -10.40 25.03
C TYR B 219 9.87 -11.90 24.71
N ALA C 5 -12.86 27.75 9.55
CA ALA C 5 -12.13 29.03 9.26
C ALA C 5 -11.85 29.14 7.76
N PRO C 6 -11.53 30.37 7.27
CA PRO C 6 -11.26 30.58 5.84
C PRO C 6 -10.03 29.80 5.34
N VAL C 7 -10.16 29.22 4.14
CA VAL C 7 -9.10 28.39 3.48
C VAL C 7 -7.94 29.33 3.10
N PHE C 8 -6.77 29.04 3.62
CA PHE C 8 -5.53 29.83 3.43
C PHE C 8 -4.76 29.25 2.25
N SER C 9 -4.64 30.02 1.19
CA SER C 9 -4.05 29.58 -0.09
C SER C 9 -2.56 30.01 -0.14
N PHE C 10 -1.66 29.06 -0.35
CA PHE C 10 -0.19 29.33 -0.46
C PHE C 10 0.50 28.19 -1.23
N LEU C 11 1.78 28.37 -1.48
CA LEU C 11 2.64 27.38 -2.14
C LEU C 11 3.94 27.25 -1.35
N PHE C 12 4.72 26.22 -1.61
CA PHE C 12 6.05 26.04 -1.01
C PHE C 12 6.94 27.20 -1.47
N ASP C 13 7.73 27.74 -0.55
CA ASP C 13 8.64 28.88 -0.77
C ASP C 13 9.92 28.36 -1.41
N GLU C 14 10.09 28.61 -2.73
CA GLU C 14 11.28 28.20 -3.54
C GLU C 14 12.54 28.95 -3.06
N LYS C 15 12.37 29.99 -2.24
CA LYS C 15 13.45 30.97 -1.91
C LYS C 15 13.79 30.95 -0.41
N CYS C 16 13.26 30.00 0.36
CA CYS C 16 13.44 29.94 1.83
C CYS C 16 14.80 29.31 2.20
N GLY C 17 15.63 28.97 1.21
CA GLY C 17 16.97 28.35 1.42
C GLY C 17 16.90 26.85 1.76
N TYR C 18 15.83 26.16 1.34
CA TYR C 18 15.65 24.70 1.54
C TYR C 18 16.79 23.92 0.84
N ASN C 19 17.01 22.70 1.28
CA ASN C 19 18.10 21.81 0.84
C ASN C 19 17.69 21.13 -0.46
N ASN C 20 18.09 21.69 -1.61
CA ASN C 20 17.61 21.24 -2.95
C ASN C 20 18.45 20.03 -3.40
N GLU C 21 19.44 19.60 -2.62
CA GLU C 21 20.12 18.30 -2.82
C GLU C 21 19.12 17.17 -2.50
N HIS C 22 18.29 17.32 -1.47
CA HIS C 22 17.39 16.24 -0.96
C HIS C 22 15.91 16.54 -1.27
N LEU C 23 15.53 17.81 -1.49
CA LEU C 23 14.10 18.21 -1.65
C LEU C 23 13.88 18.70 -3.09
N LEU C 24 12.86 18.16 -3.73
CA LEU C 24 12.48 18.53 -5.10
C LEU C 24 11.06 19.10 -5.08
N LEU C 25 10.92 20.35 -5.50
CA LEU C 25 9.63 21.02 -5.76
C LEU C 25 9.21 20.74 -7.18
N ASN C 26 7.92 20.54 -7.42
CA ASN C 26 7.34 20.53 -8.78
C ASN C 26 7.21 21.97 -9.28
N LEU C 27 6.91 22.16 -10.55
CA LEU C 27 6.89 23.51 -11.20
C LEU C 27 5.86 24.38 -10.50
N LYS C 28 4.73 23.79 -10.08
CA LYS C 28 3.57 24.52 -9.53
C LYS C 28 3.87 24.88 -8.07
N ARG C 29 4.87 24.25 -7.47
CA ARG C 29 5.32 24.50 -6.09
C ARG C 29 4.22 24.08 -5.10
N ASP C 30 3.44 23.06 -5.43
CA ASP C 30 2.39 22.53 -4.53
C ASP C 30 2.74 21.10 -4.13
N ARG C 31 3.91 20.60 -4.53
CA ARG C 31 4.38 19.26 -4.14
C ARG C 31 5.87 19.33 -3.84
N VAL C 32 6.27 18.72 -2.74
CA VAL C 32 7.71 18.57 -2.39
C VAL C 32 7.96 17.09 -2.11
N GLU C 33 9.06 16.57 -2.64
CA GLU C 33 9.50 15.19 -2.45
C GLU C 33 10.87 15.21 -1.79
N SER C 34 11.09 14.25 -0.94
CA SER C 34 12.36 13.93 -0.31
C SER C 34 13.04 12.82 -1.09
N ARG C 35 14.34 12.95 -1.34
CA ARG C 35 15.16 11.97 -2.10
C ARG C 35 16.54 11.89 -1.48
N ALA C 36 17.29 10.83 -1.78
CA ALA C 36 18.69 10.63 -1.37
C ALA C 36 19.58 11.65 -2.07
N GLY C 37 19.24 11.99 -3.32
CA GLY C 37 20.02 12.90 -4.17
C GLY C 37 21.17 12.17 -4.81
N PHE C 38 21.74 12.76 -5.84
CA PHE C 38 22.73 12.10 -6.74
C PHE C 38 24.05 11.85 -5.98
N ASN C 39 24.48 12.78 -5.11
CA ASN C 39 25.86 12.77 -4.57
C ASN C 39 25.99 11.62 -3.58
N LEU C 40 24.96 11.36 -2.77
CA LEU C 40 24.91 10.20 -1.86
C LEU C 40 24.91 8.89 -2.67
N LEU C 41 24.01 8.78 -3.64
CA LEU C 41 23.83 7.52 -4.40
C LEU C 41 25.07 7.22 -5.26
N LEU C 42 25.74 8.24 -5.78
CA LEU C 42 27.02 8.09 -6.55
C LEU C 42 28.14 7.56 -5.64
N ALA C 43 28.01 7.74 -4.32
CA ALA C 43 29.01 7.41 -3.30
C ALA C 43 28.57 6.20 -2.48
N ALA C 44 27.56 5.45 -2.94
CA ALA C 44 26.82 4.47 -2.11
C ALA C 44 27.70 3.25 -1.77
N GLU C 45 28.75 2.96 -2.53
CA GLU C 45 29.72 1.88 -2.20
C GLU C 45 30.34 2.16 -0.81
N ARG C 46 30.53 3.44 -0.47
CA ARG C 46 31.10 3.88 0.82
C ARG C 46 30.11 3.60 1.96
N ILE C 47 28.82 3.48 1.66
CA ILE C 47 27.76 3.17 2.68
C ILE C 47 27.63 1.65 2.82
N GLN C 48 28.07 1.12 3.96
CA GLN C 48 28.08 -0.34 4.24
C GLN C 48 27.05 -0.68 5.33
N VAL C 49 26.91 0.18 6.34
CA VAL C 49 26.13 -0.11 7.60
C VAL C 49 25.04 0.95 7.80
N GLY C 50 25.22 2.17 7.27
CA GLY C 50 24.28 3.30 7.43
C GLY C 50 24.90 4.62 7.03
N TYR C 51 24.22 5.73 7.30
CA TYR C 51 24.61 7.11 6.92
C TYR C 51 23.73 8.08 7.70
N TYR C 52 24.29 9.22 8.08
CA TYR C 52 23.58 10.33 8.76
C TYR C 52 22.72 11.08 7.73
N THR C 53 21.42 10.86 7.78
CA THR C 53 20.41 11.48 6.90
CA THR C 53 20.42 11.50 6.89
C THR C 53 19.87 12.74 7.57
N SER C 54 20.03 13.90 6.95
CA SER C 54 19.53 15.19 7.49
C SER C 54 17.99 15.22 7.40
N LEU C 55 17.35 15.87 8.37
CA LEU C 55 15.94 16.27 8.30
C LEU C 55 15.88 17.63 7.63
N ASP C 56 15.24 17.72 6.49
CA ASP C 56 15.27 18.90 5.60
C ASP C 56 13.92 19.64 5.73
N TYR C 57 13.98 20.90 6.16
CA TYR C 57 12.79 21.75 6.39
C TYR C 57 12.46 22.56 5.14
N ILE C 58 11.20 22.93 5.00
CA ILE C 58 10.70 23.88 3.99
C ILE C 58 9.41 24.53 4.52
N ILE C 59 9.13 25.77 4.11
CA ILE C 59 7.98 26.57 4.64
C ILE C 59 7.10 27.01 3.47
N GLY C 60 5.87 27.40 3.78
CA GLY C 60 4.97 28.09 2.84
C GLY C 60 5.48 29.48 2.54
N ASP C 61 5.00 30.07 1.45
CA ASP C 61 5.51 31.34 0.87
C ASP C 61 4.76 32.53 1.46
N THR C 62 3.81 32.30 2.36
CA THR C 62 2.90 33.34 2.90
C THR C 62 2.83 33.22 4.43
N GLY C 63 3.14 34.29 5.14
CA GLY C 63 3.15 34.31 6.60
C GLY C 63 1.78 34.65 7.16
N ILE C 64 1.52 34.23 8.40
CA ILE C 64 0.30 34.59 9.18
C ILE C 64 0.74 35.40 10.41
N THR C 65 0.15 36.58 10.57
CA THR C 65 0.41 37.56 11.65
C THR C 65 -0.82 37.66 12.58
N LYS C 66 -2.01 37.31 12.07
CA LYS C 66 -3.32 37.52 12.73
C LYS C 66 -4.38 36.66 12.05
N GLY C 67 -5.52 36.46 12.72
CA GLY C 67 -6.72 35.82 12.16
C GLY C 67 -6.69 34.29 12.31
N LYS C 68 -7.74 33.65 11.79
CA LYS C 68 -7.93 32.19 11.77
C LYS C 68 -7.71 31.67 10.33
N HIS C 69 -6.85 30.69 10.18
CA HIS C 69 -6.40 30.17 8.86
C HIS C 69 -6.42 28.65 8.88
N PHE C 70 -6.96 28.05 7.80
CA PHE C 70 -7.02 26.59 7.58
C PHE C 70 -6.30 26.24 6.29
N TRP C 71 -5.54 25.15 6.31
CA TRP C 71 -4.95 24.55 5.11
C TRP C 71 -4.86 23.06 5.28
N ALA C 72 -4.76 22.33 4.16
CA ALA C 72 -4.76 20.86 4.12
C ALA C 72 -3.69 20.36 3.16
N PHE C 73 -3.25 19.14 3.35
CA PHE C 73 -2.24 18.51 2.49
C PHE C 73 -2.34 17.00 2.63
N ARG C 74 -1.79 16.28 1.66
CA ARG C 74 -1.68 14.82 1.65
C ARG C 74 -0.21 14.46 1.76
N VAL C 75 0.14 13.61 2.71
CA VAL C 75 1.50 13.06 2.86
C VAL C 75 1.52 11.69 2.19
N GLU C 76 2.53 11.40 1.37
CA GLU C 76 2.67 10.09 0.70
C GLU C 76 2.72 9.03 1.78
N PRO C 77 1.88 7.97 1.67
CA PRO C 77 1.84 6.91 2.67
C PRO C 77 3.18 6.22 2.91
N TYR C 78 4.06 6.24 1.92
CA TYR C 78 5.36 5.52 1.99
C TYR C 78 6.37 6.35 2.76
N SER C 79 6.03 7.62 3.08
CA SER C 79 6.97 8.61 3.68
C SER C 79 7.68 7.99 4.88
N TYR C 80 9.00 8.01 4.87
CA TYR C 80 9.86 7.50 5.97
C TYR C 80 9.54 8.28 7.24
N LEU C 81 9.76 9.60 7.19
CA LEU C 81 9.57 10.52 8.32
C LEU C 81 9.27 11.91 7.79
N VAL C 82 8.12 12.44 8.14
CA VAL C 82 7.65 13.78 7.76
C VAL C 82 7.21 14.50 9.03
N LYS C 83 7.50 15.79 9.15
CA LYS C 83 6.90 16.65 10.20
C LYS C 83 6.11 17.76 9.53
N VAL C 84 4.98 18.12 10.10
CA VAL C 84 4.11 19.19 9.59
C VAL C 84 3.62 20.04 10.77
N GLY C 85 3.52 21.34 10.56
CA GLY C 85 2.88 22.28 11.50
C GLY C 85 3.17 23.70 11.14
N VAL C 86 3.72 24.45 12.09
CA VAL C 86 3.96 25.92 11.97
C VAL C 86 5.26 26.27 12.69
N ALA C 87 5.84 27.40 12.35
CA ALA C 87 7.12 27.89 12.88
C ALA C 87 7.20 29.41 12.73
N SER C 88 7.75 30.09 13.72
CA SER C 88 8.15 31.52 13.67
C SER C 88 9.46 31.64 12.88
N SER C 89 9.79 32.86 12.45
CA SER C 89 11.01 33.21 11.66
C SER C 89 12.28 32.82 12.44
N ASP C 90 12.32 33.17 13.74
CA ASP C 90 13.39 32.80 14.71
C ASP C 90 13.78 31.34 14.49
N LYS C 91 12.84 30.39 14.72
CA LYS C 91 13.04 28.89 14.66
C LYS C 91 13.55 28.49 13.28
N LEU C 92 13.03 29.14 12.24
CA LEU C 92 13.23 28.74 10.82
C LEU C 92 14.70 28.79 10.46
N GLN C 93 15.36 29.92 10.73
CA GLN C 93 16.77 30.15 10.29
C GLN C 93 17.69 29.18 11.06
N GLU C 94 17.29 28.78 12.27
CA GLU C 94 17.96 27.71 13.07
C GLU C 94 17.88 26.36 12.33
N TRP C 95 16.68 25.95 11.88
CA TRP C 95 16.47 24.64 11.20
C TRP C 95 17.14 24.65 9.81
N LEU C 96 16.97 25.73 9.05
CA LEU C 96 17.42 25.88 7.64
C LEU C 96 18.90 26.26 7.60
N ARG C 97 19.76 25.33 7.17
CA ARG C 97 21.21 25.56 6.89
C ARG C 97 22.00 25.48 8.21
N PRO C 127 7.29 28.82 20.18
CA PRO C 127 6.83 29.61 19.01
C PRO C 127 6.64 28.76 17.74
N PHE C 128 6.71 27.44 17.86
CA PHE C 128 6.52 26.46 16.75
C PHE C 128 5.69 25.29 17.25
N THR C 129 5.39 24.34 16.37
CA THR C 129 4.68 23.09 16.69
C THR C 129 4.66 22.17 15.48
N LEU C 130 5.10 20.93 15.65
CA LEU C 130 5.16 19.91 14.57
C LEU C 130 4.65 18.57 15.09
N VAL C 131 3.88 17.87 14.27
CA VAL C 131 3.51 16.45 14.47
C VAL C 131 4.31 15.63 13.48
N THR C 132 4.63 14.39 13.83
CA THR C 132 5.41 13.49 12.99
C THR C 132 4.49 12.51 12.28
N ILE C 133 4.75 12.25 11.00
CA ILE C 133 4.08 11.24 10.14
C ILE C 133 5.15 10.28 9.64
N GLY C 134 4.85 8.98 9.64
CA GLY C 134 5.64 7.94 8.94
C GLY C 134 5.10 6.58 9.19
N MET C 135 5.44 5.61 8.33
CA MET C 135 4.90 4.22 8.44
C MET C 135 3.37 4.26 8.34
N GLN C 136 2.81 5.20 7.58
CA GLN C 136 1.32 5.29 7.38
C GLN C 136 0.66 5.66 8.72
N LYS C 137 1.38 6.34 9.61
CA LYS C 137 0.92 6.60 10.99
C LYS C 137 1.13 8.07 11.34
N PHE C 138 0.27 8.57 12.20
CA PHE C 138 0.30 9.94 12.76
C PHE C 138 0.70 9.84 14.24
N PHE C 139 1.81 10.47 14.60
CA PHE C 139 2.37 10.45 15.97
C PHE C 139 2.04 11.78 16.68
N ILE C 140 1.23 11.68 17.74
CA ILE C 140 0.92 12.79 18.66
C ILE C 140 2.16 13.04 19.51
N PRO C 141 2.70 14.28 19.52
CA PRO C 141 3.87 14.61 20.33
C PRO C 141 3.67 14.20 21.79
N LYS C 142 4.74 13.74 22.44
CA LYS C 142 4.78 13.64 23.93
C LYS C 142 4.78 15.08 24.48
N SER C 143 3.99 15.32 25.52
CA SER C 143 4.10 16.51 26.39
C SER C 143 4.15 16.05 27.83
N PRO C 144 4.74 16.85 28.75
CA PRO C 144 4.63 16.56 30.18
C PRO C 144 3.14 16.38 30.52
N THR C 145 2.74 15.15 30.90
CA THR C 145 1.32 14.67 30.96
C THR C 145 1.25 13.43 31.86
N SER C 146 0.07 13.15 32.42
CA SER C 146 -0.18 12.06 33.40
C SER C 146 -1.69 11.82 33.54
N GLU C 151 -3.03 9.40 26.06
CA GLU C 151 -2.59 8.02 26.42
C GLU C 151 -1.98 7.33 25.19
N ASN C 152 -2.78 6.98 24.15
CA ASN C 152 -2.26 6.35 22.89
C ASN C 152 -1.84 7.45 21.90
N ARG C 153 -0.59 7.40 21.48
CA ARG C 153 0.07 8.47 20.71
C ARG C 153 0.08 8.09 19.21
N VAL C 154 -0.28 6.84 18.85
CA VAL C 154 -0.06 6.29 17.49
C VAL C 154 -1.42 6.12 16.79
N LEU C 155 -1.69 6.93 15.77
CA LEU C 155 -2.97 6.93 15.05
C LEU C 155 -2.73 6.63 13.57
N PRO C 156 -3.77 6.22 12.82
CA PRO C 156 -3.61 6.02 11.39
C PRO C 156 -3.35 7.38 10.73
N MET C 157 -2.44 7.44 9.75
CA MET C 157 -2.22 8.66 8.96
C MET C 157 -3.48 8.94 8.14
N PRO C 158 -4.08 10.12 8.28
CA PRO C 158 -5.20 10.48 7.45
C PRO C 158 -4.72 10.63 6.00
N THR C 159 -5.57 10.32 5.01
CA THR C 159 -5.22 10.54 3.58
C THR C 159 -5.02 12.04 3.38
N SER C 160 -5.79 12.85 4.10
CA SER C 160 -5.70 14.33 4.08
C SER C 160 -5.64 14.88 5.49
N ILE C 161 -4.65 15.72 5.75
CA ILE C 161 -4.41 16.33 7.09
C ILE C 161 -4.71 17.80 6.99
N GLY C 162 -5.46 18.30 7.98
CA GLY C 162 -5.83 19.72 8.09
C GLY C 162 -5.13 20.38 9.25
N ILE C 163 -4.73 21.63 9.08
CA ILE C 163 -4.20 22.47 10.17
C ILE C 163 -5.05 23.73 10.25
N PHE C 164 -5.53 24.05 11.45
CA PHE C 164 -6.23 25.29 11.80
C PHE C 164 -5.36 26.08 12.79
N LEU C 165 -4.87 27.24 12.35
CA LEU C 165 -4.09 28.16 13.17
C LEU C 165 -4.98 29.33 13.52
N ASP C 166 -5.24 29.51 14.82
CA ASP C 166 -6.08 30.58 15.39
C ASP C 166 -5.17 31.53 16.18
N CYS C 167 -4.83 32.68 15.60
CA CYS C 167 -3.84 33.63 16.16
C CYS C 167 -4.48 34.40 17.31
N ASP C 168 -5.81 34.52 17.31
CA ASP C 168 -6.58 35.22 18.37
C ASP C 168 -6.45 34.42 19.68
N LYS C 169 -6.59 33.09 19.61
CA LYS C 169 -6.55 32.18 20.80
C LYS C 169 -5.12 31.67 21.05
N GLY C 170 -4.24 31.82 20.06
CA GLY C 170 -2.85 31.30 20.12
C GLY C 170 -2.83 29.78 20.10
N LYS C 171 -3.64 29.15 19.24
CA LYS C 171 -3.81 27.68 19.18
C LYS C 171 -3.57 27.20 17.77
N VAL C 172 -3.05 25.99 17.66
CA VAL C 172 -3.00 25.25 16.37
C VAL C 172 -3.66 23.89 16.60
N ASN C 173 -4.55 23.52 15.67
CA ASN C 173 -5.29 22.23 15.70
C ASN C 173 -4.93 21.44 14.45
N PHE C 174 -4.73 20.13 14.60
CA PHE C 174 -4.45 19.16 13.51
C PHE C 174 -5.65 18.24 13.33
N TYR C 175 -6.11 18.07 12.11
CA TYR C 175 -7.34 17.33 11.80
C TYR C 175 -7.05 16.19 10.83
N ASP C 176 -7.68 15.04 11.12
CA ASP C 176 -7.98 13.96 10.15
C ASP C 176 -9.17 14.39 9.31
N MET C 177 -8.96 14.72 8.06
CA MET C 177 -10.01 15.23 7.14
C MET C 177 -10.89 14.09 6.62
N ASP C 178 -10.45 12.84 6.73
CA ASP C 178 -11.27 11.65 6.35
C ASP C 178 -12.43 11.53 7.35
N GLN C 179 -12.14 11.74 8.63
CA GLN C 179 -13.09 11.53 9.75
C GLN C 179 -13.64 12.88 10.24
N MET C 180 -13.02 14.00 9.85
CA MET C 180 -13.40 15.36 10.30
C MET C 180 -13.31 15.44 11.84
N LYS C 181 -12.12 15.22 12.36
CA LYS C 181 -11.85 14.91 13.76
C LYS C 181 -10.51 15.53 14.13
N CYS C 182 -10.46 16.29 15.21
CA CYS C 182 -9.22 16.87 15.74
C CYS C 182 -8.39 15.76 16.36
N LEU C 183 -7.13 15.62 15.96
CA LEU C 183 -6.22 14.57 16.49
C LEU C 183 -5.34 15.14 17.60
N TYR C 184 -5.08 16.45 17.57
CA TYR C 184 -4.08 17.11 18.45
C TYR C 184 -4.28 18.62 18.39
N GLU C 185 -4.02 19.27 19.50
CA GLU C 185 -4.31 20.71 19.70
C GLU C 185 -3.29 21.21 20.68
N ARG C 186 -2.65 22.33 20.39
CA ARG C 186 -1.55 22.87 21.22
C ARG C 186 -1.61 24.39 21.23
N GLN C 187 -1.29 24.99 22.38
CA GLN C 187 -1.00 26.44 22.48
C GLN C 187 0.27 26.72 21.69
N VAL C 188 0.32 27.86 21.01
CA VAL C 188 1.50 28.30 20.22
C VAL C 188 1.60 29.83 20.31
N ASP C 189 2.83 30.34 20.37
CA ASP C 189 3.13 31.79 20.51
C ASP C 189 2.96 32.47 19.14
N CYS C 190 2.02 33.42 19.04
CA CYS C 190 1.63 34.13 17.78
C CYS C 190 2.06 35.61 17.83
N SER C 191 2.97 35.94 18.75
CA SER C 191 3.53 37.30 18.87
C SER C 191 4.30 37.64 17.59
N HIS C 192 4.88 36.63 16.95
CA HIS C 192 5.66 36.77 15.69
C HIS C 192 4.90 36.13 14.53
N THR C 193 5.26 36.50 13.29
CA THR C 193 4.77 35.87 12.05
C THR C 193 5.01 34.37 12.12
N LEU C 194 3.98 33.58 11.79
CA LEU C 194 4.03 32.11 11.74
C LEU C 194 3.90 31.67 10.29
N TYR C 195 4.65 30.65 9.90
CA TYR C 195 4.61 30.07 8.54
C TYR C 195 4.19 28.61 8.64
N PRO C 196 3.36 28.11 7.70
CA PRO C 196 3.20 26.68 7.51
C PRO C 196 4.61 26.10 7.34
N ALA C 197 4.91 25.05 8.10
CA ALA C 197 6.25 24.44 8.18
C ALA C 197 6.17 22.93 7.91
N PHE C 198 7.18 22.41 7.24
CA PHE C 198 7.28 20.98 6.87
C PHE C 198 8.75 20.54 6.96
N ALA C 199 8.96 19.26 7.25
CA ALA C 199 10.29 18.62 7.23
C ALA C 199 10.14 17.19 6.72
N LEU C 200 11.12 16.74 5.95
CA LEU C 200 11.13 15.40 5.37
C LEU C 200 12.52 14.81 5.52
N MET C 201 12.56 13.52 5.70
CA MET C 201 13.78 12.72 5.90
C MET C 201 13.56 11.36 5.23
N GLY C 202 14.59 10.76 4.64
CA GLY C 202 14.44 9.56 3.81
C GLY C 202 13.55 9.92 2.65
N SER C 203 12.93 8.98 2.01
CA SER C 203 12.02 9.30 0.88
C SER C 203 10.62 9.62 1.43
N GLY C 204 9.97 10.60 0.86
CA GLY C 204 8.63 11.06 1.24
C GLY C 204 8.13 12.12 0.31
N GLY C 205 6.88 12.52 0.47
CA GLY C 205 6.20 13.52 -0.35
C GLY C 205 5.09 14.21 0.42
N ILE C 206 4.89 15.49 0.15
CA ILE C 206 3.73 16.29 0.65
C ILE C 206 3.15 17.05 -0.51
N GLN C 207 1.84 16.97 -0.68
CA GLN C 207 1.08 17.68 -1.75
C GLN C 207 0.04 18.61 -1.12
N LEU C 208 0.21 19.92 -1.29
CA LEU C 208 -0.79 20.94 -0.85
C LEU C 208 -2.01 20.81 -1.72
N GLU C 209 -3.18 20.72 -1.13
CA GLU C 209 -4.46 20.84 -1.87
C GLU C 209 -5.59 20.82 -0.88
N GLU C 210 -6.73 21.42 -1.22
CA GLU C 210 -8.01 21.22 -0.49
C GLU C 210 -8.29 19.72 -0.41
N PRO C 211 -8.83 19.21 0.72
CA PRO C 211 -9.25 17.81 0.80
C PRO C 211 -10.36 17.50 -0.23
N ILE C 212 -10.37 16.27 -0.74
CA ILE C 212 -11.41 15.72 -1.65
C ILE C 212 -12.03 14.46 -1.02
N THR C 213 -11.98 14.36 0.33
CA THR C 213 -12.57 13.23 1.12
C THR C 213 -14.08 13.47 1.23
N ALA C 214 -14.85 12.37 1.40
CA ALA C 214 -16.33 12.33 1.40
C ALA C 214 -16.90 13.29 2.47
N LYS C 215 -16.35 13.22 3.68
CA LYS C 215 -16.93 13.88 4.88
C LYS C 215 -16.65 15.38 4.81
N TYR C 216 -15.48 15.79 4.30
CA TYR C 216 -15.09 17.23 4.14
C TYR C 216 -16.02 17.88 3.09
N LEU C 217 -16.40 17.13 2.06
CA LEU C 217 -17.31 17.59 0.98
C LEU C 217 -18.75 17.67 1.52
N GLU C 218 -19.17 16.69 2.32
CA GLU C 218 -20.49 16.71 3.04
C GLU C 218 -20.60 18.02 3.84
N TYR C 219 -19.57 18.36 4.63
CA TYR C 219 -19.38 19.67 5.31
C TYR C 219 -19.02 20.73 4.26
N THR D 2 13.02 -14.05 -24.00
CA THR D 2 13.10 -15.10 -22.93
C THR D 2 14.28 -14.79 -21.99
N PRO D 3 14.13 -14.95 -20.64
CA PRO D 3 15.26 -14.81 -19.72
C PRO D 3 16.44 -15.72 -20.10
N PRO D 4 17.71 -15.31 -19.80
CA PRO D 4 18.88 -16.03 -20.34
C PRO D 4 19.19 -17.39 -19.69
N ALA D 5 18.46 -17.78 -18.60
CA ALA D 5 18.69 -19.01 -17.80
C ALA D 5 17.38 -19.47 -17.14
N PRO D 6 17.34 -20.69 -16.54
CA PRO D 6 16.16 -21.15 -15.81
C PRO D 6 15.79 -20.27 -14.60
N VAL D 7 14.50 -20.01 -14.41
CA VAL D 7 13.95 -19.13 -13.35
C VAL D 7 14.18 -19.81 -12.00
N PHE D 8 14.88 -19.12 -11.12
CA PHE D 8 15.17 -19.52 -9.75
C PHE D 8 14.06 -18.99 -8.83
N SER D 9 13.30 -19.88 -8.23
CA SER D 9 12.11 -19.56 -7.41
C SER D 9 12.51 -19.53 -5.92
N PHE D 10 12.27 -18.41 -5.23
CA PHE D 10 12.56 -18.24 -3.79
C PHE D 10 11.70 -17.13 -3.17
N LEU D 11 11.79 -16.99 -1.85
CA LEU D 11 11.14 -15.94 -1.08
C LEU D 11 12.15 -15.30 -0.13
N PHE D 12 11.85 -14.15 0.43
CA PHE D 12 12.70 -13.50 1.46
C PHE D 12 12.76 -14.42 2.67
N ASP D 13 13.94 -14.53 3.25
CA ASP D 13 14.23 -15.41 4.40
C ASP D 13 13.83 -14.69 5.68
N GLU D 14 12.71 -15.12 6.28
CA GLU D 14 12.15 -14.65 7.58
C GLU D 14 13.11 -14.92 8.74
N LYS D 15 14.11 -15.78 8.54
CA LYS D 15 14.93 -16.39 9.63
C LYS D 15 16.41 -16.01 9.47
N CYS D 16 16.77 -15.13 8.54
CA CYS D 16 18.19 -14.77 8.26
C CYS D 16 18.72 -13.75 9.29
N GLY D 17 17.90 -13.36 10.30
CA GLY D 17 18.27 -12.41 11.36
C GLY D 17 18.23 -10.95 10.88
N TYR D 18 17.38 -10.65 9.89
CA TYR D 18 17.18 -9.28 9.35
C TYR D 18 16.62 -8.37 10.45
N ASN D 19 16.77 -7.06 10.26
CA ASN D 19 16.37 -6.01 11.21
C ASN D 19 14.86 -5.73 11.04
N ASN D 20 14.04 -6.39 11.85
CA ASN D 20 12.56 -6.34 11.70
C ASN D 20 12.02 -5.08 12.41
N GLU D 21 12.88 -4.25 12.99
CA GLU D 21 12.49 -2.89 13.43
C GLU D 21 12.27 -2.02 12.19
N HIS D 22 13.08 -2.18 11.15
CA HIS D 22 13.10 -1.30 9.95
C HIS D 22 12.53 -2.00 8.70
N LEU D 23 12.56 -3.33 8.66
CA LEU D 23 12.13 -4.11 7.47
C LEU D 23 10.86 -4.89 7.79
N LEU D 24 9.85 -4.74 6.94
CA LEU D 24 8.58 -5.50 7.03
C LEU D 24 8.46 -6.41 5.81
N LEU D 25 8.31 -7.70 6.05
CA LEU D 25 7.92 -8.72 5.05
C LEU D 25 6.41 -8.78 4.97
N ASN D 26 5.85 -8.94 3.77
CA ASN D 26 4.40 -9.19 3.60
C ASN D 26 4.13 -10.65 3.92
N LEU D 27 2.86 -11.02 3.98
CA LEU D 27 2.41 -12.33 4.46
C LEU D 27 3.06 -13.45 3.63
N LYS D 28 3.22 -13.26 2.32
CA LYS D 28 3.71 -14.33 1.39
C LYS D 28 5.23 -14.28 1.33
N ARG D 29 5.85 -13.28 1.92
CA ARG D 29 7.33 -13.12 2.01
C ARG D 29 7.92 -12.91 0.59
N ASP D 30 7.16 -12.25 -0.30
CA ASP D 30 7.64 -11.92 -1.67
C ASP D 30 7.80 -10.40 -1.80
N ARG D 31 7.62 -9.66 -0.71
CA ARG D 31 7.79 -8.20 -0.70
C ARG D 31 8.41 -7.77 0.63
N VAL D 32 9.40 -6.89 0.57
CA VAL D 32 10.01 -6.26 1.75
C VAL D 32 9.91 -4.75 1.61
N GLU D 33 9.53 -4.09 2.68
CA GLU D 33 9.42 -2.62 2.79
C GLU D 33 10.37 -2.16 3.88
N SER D 34 11.02 -1.05 3.61
CA SER D 34 11.87 -0.29 4.55
C SER D 34 11.03 0.79 5.20
N ARG D 35 11.15 0.96 6.53
N ARG D 35 11.19 1.01 6.50
CA ARG D 35 10.38 1.96 7.32
CA ARG D 35 10.41 2.01 7.28
C ARG D 35 11.24 2.49 8.47
C ARG D 35 11.24 2.49 8.47
N ALA D 36 10.86 3.62 9.06
CA ALA D 36 11.58 4.26 10.18
C ALA D 36 11.45 3.42 11.46
N GLY D 37 10.29 2.80 11.65
CA GLY D 37 10.00 1.96 12.83
C GLY D 37 9.51 2.79 14.01
N PHE D 38 8.96 2.12 15.01
CA PHE D 38 8.23 2.76 16.14
C PHE D 38 9.17 3.58 17.03
N ASN D 39 10.37 3.06 17.33
CA ASN D 39 11.24 3.62 18.39
C ASN D 39 11.69 5.01 17.97
N LEU D 40 12.10 5.13 16.72
CA LEU D 40 12.53 6.38 16.09
C LEU D 40 11.35 7.36 16.03
N LEU D 41 10.21 6.95 15.50
CA LEU D 41 9.06 7.84 15.26
C LEU D 41 8.48 8.32 16.58
N LEU D 42 8.45 7.48 17.61
CA LEU D 42 7.88 7.88 18.94
C LEU D 42 8.82 8.88 19.63
N ALA D 43 10.08 8.95 19.21
CA ALA D 43 11.12 9.81 19.81
C ALA D 43 11.54 10.88 18.81
N ALA D 44 10.66 11.22 17.87
CA ALA D 44 10.95 12.12 16.72
C ALA D 44 11.22 13.56 17.21
N GLU D 45 10.73 13.93 18.38
CA GLU D 45 10.99 15.27 18.99
C GLU D 45 12.50 15.43 19.20
N ARG D 46 13.21 14.36 19.43
CA ARG D 46 14.70 14.36 19.63
C ARG D 46 15.40 14.63 18.29
N ILE D 47 14.76 14.34 17.16
CA ILE D 47 15.35 14.52 15.80
C ILE D 47 15.04 15.93 15.30
N GLN D 48 16.04 16.79 15.22
CA GLN D 48 15.90 18.23 14.92
C GLN D 48 16.59 18.54 13.59
N VAL D 49 17.76 17.92 13.32
CA VAL D 49 18.59 18.21 12.12
C VAL D 49 18.79 16.96 11.27
N GLY D 50 18.70 15.76 11.86
CA GLY D 50 19.09 14.51 11.20
C GLY D 50 19.11 13.31 12.14
N TYR D 51 19.40 12.13 11.58
CA TYR D 51 19.56 10.87 12.34
C TYR D 51 20.39 9.88 11.51
N TYR D 52 21.19 9.05 12.17
CA TYR D 52 21.94 7.94 11.52
C TYR D 52 20.97 6.80 11.22
N THR D 53 20.62 6.66 9.95
CA THR D 53 19.68 5.62 9.45
C THR D 53 20.50 4.44 8.93
N SER D 54 20.29 3.26 9.48
CA SER D 54 21.07 2.03 9.17
C SER D 54 20.66 1.52 7.78
N LEU D 55 21.63 0.97 7.07
CA LEU D 55 21.39 0.14 5.86
C LEU D 55 21.12 -1.30 6.32
N ASP D 56 19.92 -1.79 6.06
CA ASP D 56 19.42 -3.08 6.59
C ASP D 56 19.39 -4.11 5.46
N TYR D 57 20.10 -5.21 5.64
CA TYR D 57 20.26 -6.29 4.64
C TYR D 57 19.24 -7.41 4.90
N ILE D 58 18.90 -8.14 3.83
CA ILE D 58 18.06 -9.36 3.88
C ILE D 58 18.41 -10.23 2.64
N ILE D 59 18.24 -11.55 2.74
CA ILE D 59 18.61 -12.51 1.69
C ILE D 59 17.39 -13.36 1.31
N GLY D 60 17.44 -14.02 0.15
CA GLY D 60 16.52 -15.10 -0.24
C GLY D 60 16.69 -16.31 0.63
N ASP D 61 15.69 -17.19 0.66
CA ASP D 61 15.57 -18.34 1.60
C ASP D 61 16.23 -19.60 1.01
N THR D 62 16.81 -19.49 -0.18
CA THR D 62 17.38 -20.62 -0.95
C THR D 62 18.75 -20.23 -1.51
N GLY D 63 19.78 -21.02 -1.24
CA GLY D 63 21.16 -20.77 -1.69
C GLY D 63 21.44 -21.37 -3.07
N ILE D 64 22.45 -20.84 -3.75
CA ILE D 64 22.98 -21.37 -5.05
C ILE D 64 24.42 -21.82 -4.84
N THR D 65 24.72 -23.08 -5.21
CA THR D 65 26.05 -23.72 -5.06
C THR D 65 26.66 -23.96 -6.46
N LYS D 66 25.83 -24.02 -7.50
CA LYS D 66 26.22 -24.47 -8.86
C LYS D 66 25.15 -24.02 -9.87
N GLY D 67 25.51 -24.01 -11.16
CA GLY D 67 24.57 -23.85 -12.29
C GLY D 67 24.29 -22.39 -12.63
N LYS D 68 23.38 -22.18 -13.58
CA LYS D 68 22.93 -20.86 -14.10
C LYS D 68 21.51 -20.57 -13.57
N HIS D 69 21.31 -19.41 -12.94
CA HIS D 69 20.07 -19.07 -12.22
C HIS D 69 19.68 -17.63 -12.51
N PHE D 70 18.39 -17.41 -12.78
CA PHE D 70 17.80 -16.09 -13.11
C PHE D 70 16.65 -15.79 -12.16
N TRP D 71 16.59 -14.55 -11.68
CA TRP D 71 15.45 -14.04 -10.91
C TRP D 71 15.28 -12.55 -11.18
N ALA D 72 14.09 -12.04 -10.93
CA ALA D 72 13.65 -10.68 -11.28
C ALA D 72 12.83 -10.08 -10.13
N PHE D 73 12.82 -8.77 -10.01
CA PHE D 73 12.11 -8.07 -8.94
C PHE D 73 11.84 -6.63 -9.38
N ARG D 74 10.87 -5.99 -8.74
CA ARG D 74 10.52 -4.58 -8.94
C ARG D 74 10.94 -3.81 -7.71
N VAL D 75 11.74 -2.76 -7.89
CA VAL D 75 12.08 -1.80 -6.82
C VAL D 75 11.14 -0.61 -6.96
N GLU D 76 10.53 -0.20 -5.87
CA GLU D 76 9.57 0.93 -5.84
C GLU D 76 10.30 2.16 -6.35
N PRO D 77 9.73 2.88 -7.34
CA PRO D 77 10.32 4.11 -7.83
C PRO D 77 10.64 5.16 -6.75
N TYR D 78 9.92 5.16 -5.63
CA TYR D 78 10.12 6.17 -4.55
C TYR D 78 11.34 5.79 -3.69
N SER D 79 11.86 4.57 -3.83
CA SER D 79 12.88 3.97 -2.91
C SER D 79 14.04 4.97 -2.69
N TYR D 80 14.39 5.21 -1.45
CA TYR D 80 15.45 6.16 -1.07
C TYR D 80 16.78 5.61 -1.56
N LEU D 81 17.13 4.44 -1.07
CA LEU D 81 18.44 3.77 -1.37
C LEU D 81 18.27 2.28 -1.17
N VAL D 82 18.50 1.52 -2.21
CA VAL D 82 18.33 0.05 -2.24
C VAL D 82 19.60 -0.52 -2.87
N LYS D 83 20.09 -1.63 -2.35
CA LYS D 83 21.14 -2.42 -3.01
C LYS D 83 20.58 -3.80 -3.35
N VAL D 84 20.93 -4.34 -4.50
CA VAL D 84 20.51 -5.69 -4.93
C VAL D 84 21.71 -6.40 -5.55
N GLY D 85 21.82 -7.70 -5.31
CA GLY D 85 22.76 -8.58 -6.01
C GLY D 85 22.83 -9.94 -5.37
N VAL D 86 24.04 -10.31 -4.92
CA VAL D 86 24.33 -11.64 -4.33
C VAL D 86 25.38 -11.47 -3.26
N ALA D 87 25.46 -12.43 -2.35
CA ALA D 87 26.39 -12.43 -1.21
C ALA D 87 26.62 -13.88 -0.74
N SER D 88 27.85 -14.22 -0.37
CA SER D 88 28.22 -15.47 0.34
C SER D 88 27.86 -15.34 1.81
N SER D 89 27.83 -16.46 2.56
CA SER D 89 27.48 -16.52 4.02
C SER D 89 28.47 -15.68 4.85
N ASP D 90 29.77 -15.83 4.57
CA ASP D 90 30.87 -15.01 5.14
C ASP D 90 30.43 -13.53 5.23
N LYS D 91 30.19 -12.89 4.07
CA LYS D 91 29.86 -11.43 3.91
C LYS D 91 28.58 -11.08 4.70
N LEU D 92 27.60 -12.00 4.70
CA LEU D 92 26.24 -11.77 5.25
C LEU D 92 26.32 -11.43 6.75
N GLN D 93 27.01 -12.28 7.52
CA GLN D 93 27.05 -12.13 9.00
C GLN D 93 27.83 -10.86 9.36
N GLU D 94 28.75 -10.40 8.50
CA GLU D 94 29.44 -9.08 8.61
C GLU D 94 28.42 -7.94 8.51
N TRP D 95 27.58 -7.95 7.47
CA TRP D 95 26.57 -6.88 7.23
C TRP D 95 25.50 -6.89 8.34
N LEU D 96 25.00 -8.09 8.71
CA LEU D 96 23.86 -8.29 9.65
C LEU D 96 24.31 -8.18 11.13
N ARG D 97 25.55 -7.73 11.41
CA ARG D 97 26.14 -7.67 12.79
C ARG D 97 27.32 -6.66 12.86
N SER D 98 27.07 -5.37 12.64
CA SER D 98 28.13 -4.34 12.58
C SER D 98 27.59 -2.99 13.04
N PRO D 99 27.56 -2.73 14.37
CA PRO D 99 26.98 -1.49 14.90
C PRO D 99 27.78 -0.23 14.50
N GLN D 126 35.86 -11.21 -5.73
CA GLN D 126 35.21 -10.97 -4.41
C GLN D 126 33.92 -11.77 -4.33
N PRO D 127 33.53 -12.28 -3.13
CA PRO D 127 32.43 -13.25 -3.02
C PRO D 127 31.00 -12.64 -2.94
N PHE D 128 30.86 -11.35 -3.19
CA PHE D 128 29.55 -10.63 -3.23
C PHE D 128 29.55 -9.65 -4.40
N THR D 129 28.43 -8.97 -4.61
CA THR D 129 28.26 -7.92 -5.63
C THR D 129 26.89 -7.27 -5.48
N LEU D 130 26.85 -5.94 -5.45
CA LEU D 130 25.61 -5.14 -5.31
C LEU D 130 25.64 -3.96 -6.29
N VAL D 131 24.50 -3.65 -6.89
CA VAL D 131 24.24 -2.37 -7.58
C VAL D 131 23.36 -1.55 -6.65
N THR D 132 23.48 -0.22 -6.70
CA THR D 132 22.64 0.70 -5.94
C THR D 132 21.51 1.22 -6.83
N ILE D 133 20.28 1.23 -6.29
CA ILE D 133 19.04 1.78 -6.92
C ILE D 133 18.50 2.88 -6.00
N GLY D 134 18.02 3.99 -6.58
CA GLY D 134 17.21 4.99 -5.86
C GLY D 134 16.90 6.18 -6.72
N MET D 135 15.88 6.96 -6.36
CA MET D 135 15.52 8.19 -7.11
C MET D 135 15.17 7.79 -8.55
N GLN D 136 14.62 6.63 -8.74
CA GLN D 136 14.18 6.12 -10.07
C GLN D 136 15.44 5.93 -10.96
N LYS D 137 16.60 5.64 -10.37
CA LYS D 137 17.89 5.56 -11.08
C LYS D 137 18.66 4.29 -10.70
N PHE D 138 19.41 3.78 -11.65
CA PHE D 138 20.25 2.56 -11.52
C PHE D 138 21.71 3.00 -11.58
N PHE D 139 22.48 2.77 -10.52
CA PHE D 139 23.89 3.26 -10.40
C PHE D 139 24.87 2.10 -10.67
N ILE D 140 25.62 2.19 -11.78
CA ILE D 140 26.69 1.21 -12.13
C ILE D 140 27.88 1.49 -11.23
N PRO D 141 28.36 0.49 -10.47
CA PRO D 141 29.51 0.66 -9.57
C PRO D 141 30.70 1.30 -10.30
N LYS D 142 31.42 2.18 -9.62
CA LYS D 142 32.73 2.69 -10.07
C LYS D 142 33.72 1.52 -10.05
N SER D 143 34.53 1.38 -11.10
CA SER D 143 35.60 0.34 -11.22
C SER D 143 36.85 0.98 -11.84
N PRO D 144 38.05 0.78 -11.23
CA PRO D 144 39.30 1.23 -11.83
C PRO D 144 39.47 0.68 -13.25
N GLU D 151 33.19 9.16 -11.38
CA GLU D 151 31.89 8.81 -10.72
C GLU D 151 31.24 7.64 -11.48
N ASN D 152 30.34 6.95 -10.81
CA ASN D 152 29.42 5.93 -11.39
C ASN D 152 28.76 6.46 -12.67
N ARG D 153 28.43 5.57 -13.59
CA ARG D 153 27.35 5.77 -14.59
C ARG D 153 25.98 5.72 -13.90
N VAL D 154 25.12 6.66 -14.27
CA VAL D 154 23.71 6.79 -13.81
C VAL D 154 22.80 6.43 -14.98
N LEU D 155 21.95 5.43 -14.80
CA LEU D 155 20.97 5.01 -15.82
C LEU D 155 19.56 5.11 -15.24
N PRO D 156 18.51 5.14 -16.10
CA PRO D 156 17.14 5.08 -15.60
C PRO D 156 16.93 3.73 -14.92
N MET D 157 16.24 3.68 -13.79
CA MET D 157 15.87 2.42 -13.14
C MET D 157 14.88 1.68 -14.03
N PRO D 158 15.18 0.43 -14.43
CA PRO D 158 14.20 -0.41 -15.10
C PRO D 158 13.00 -0.68 -14.18
N THR D 159 11.78 -0.77 -14.74
CA THR D 159 10.57 -1.03 -13.93
C THR D 159 10.73 -2.39 -13.27
N SER D 160 11.40 -3.31 -13.97
CA SER D 160 11.72 -4.66 -13.46
C SER D 160 13.22 -4.95 -13.70
N ILE D 161 13.93 -5.44 -12.68
CA ILE D 161 15.38 -5.73 -12.73
C ILE D 161 15.60 -7.23 -12.65
N GLY D 162 16.46 -7.77 -13.50
CA GLY D 162 16.84 -9.19 -13.53
C GLY D 162 18.28 -9.39 -13.08
N ILE D 163 18.53 -10.51 -12.41
CA ILE D 163 19.89 -10.98 -12.09
C ILE D 163 20.08 -12.39 -12.64
N PHE D 164 21.17 -12.61 -13.36
CA PHE D 164 21.64 -13.93 -13.86
C PHE D 164 22.97 -14.24 -13.16
N LEU D 165 22.97 -15.28 -12.34
CA LEU D 165 24.17 -15.81 -11.68
C LEU D 165 24.59 -17.08 -12.40
N ASP D 166 25.81 -17.07 -12.97
CA ASP D 166 26.43 -18.20 -13.69
C ASP D 166 27.63 -18.72 -12.88
N CYS D 167 27.43 -19.81 -12.14
CA CYS D 167 28.42 -20.34 -11.18
C CYS D 167 29.53 -21.05 -11.90
N ASP D 168 29.28 -21.54 -13.12
CA ASP D 168 30.28 -22.23 -13.97
C ASP D 168 31.36 -21.21 -14.39
N LYS D 169 30.95 -19.99 -14.78
CA LYS D 169 31.87 -18.91 -15.26
C LYS D 169 32.31 -18.04 -14.07
N GLY D 170 31.59 -18.08 -12.96
CA GLY D 170 31.77 -17.15 -11.83
C GLY D 170 31.40 -15.71 -12.22
N LYS D 171 30.26 -15.51 -12.89
CA LYS D 171 29.78 -14.18 -13.33
C LYS D 171 28.38 -13.92 -12.78
N VAL D 172 28.07 -12.67 -12.49
CA VAL D 172 26.71 -12.19 -12.21
C VAL D 172 26.40 -11.04 -13.16
N ASN D 173 25.24 -11.11 -13.80
CA ASN D 173 24.77 -10.11 -14.79
C ASN D 173 23.48 -9.48 -14.26
N PHE D 174 23.35 -8.16 -14.43
CA PHE D 174 22.15 -7.36 -14.05
C PHE D 174 21.43 -6.90 -15.32
N TYR D 175 20.13 -7.07 -15.38
CA TYR D 175 19.33 -6.87 -16.60
C TYR D 175 18.23 -5.84 -16.35
N ASP D 176 18.07 -4.96 -17.32
CA ASP D 176 16.84 -4.17 -17.56
C ASP D 176 15.82 -5.06 -18.25
N MET D 177 14.79 -5.45 -17.56
CA MET D 177 13.77 -6.39 -18.10
C MET D 177 12.79 -5.69 -19.04
N ASP D 178 12.75 -4.37 -19.04
CA ASP D 178 11.94 -3.58 -20.01
C ASP D 178 12.52 -3.77 -21.41
N GLN D 179 13.85 -3.74 -21.50
CA GLN D 179 14.60 -3.72 -22.78
C GLN D 179 15.23 -5.10 -23.02
N MET D 180 15.29 -5.96 -22.00
CA MET D 180 15.96 -7.29 -22.05
C MET D 180 17.44 -7.11 -22.41
N LYS D 181 18.16 -6.37 -21.58
CA LYS D 181 19.48 -5.79 -21.89
C LYS D 181 20.32 -5.88 -20.63
N CYS D 182 21.50 -6.45 -20.71
CA CYS D 182 22.45 -6.52 -19.59
C CYS D 182 23.03 -5.12 -19.37
N LEU D 183 22.94 -4.59 -18.14
CA LEU D 183 23.40 -3.22 -17.78
C LEU D 183 24.81 -3.29 -17.19
N TYR D 184 25.12 -4.38 -16.55
CA TYR D 184 26.34 -4.52 -15.72
C TYR D 184 26.61 -5.99 -15.51
N GLU D 185 27.89 -6.33 -15.44
CA GLU D 185 28.35 -7.72 -15.41
C GLU D 185 29.67 -7.74 -14.66
N ARG D 186 29.81 -8.64 -13.72
CA ARG D 186 30.97 -8.66 -12.80
C ARG D 186 31.36 -10.10 -12.52
N GLN D 187 32.65 -10.36 -12.44
CA GLN D 187 33.21 -11.61 -11.86
C GLN D 187 32.81 -11.67 -10.38
N VAL D 188 32.46 -12.85 -9.91
CA VAL D 188 32.08 -13.10 -8.50
C VAL D 188 32.61 -14.49 -8.11
N ASP D 189 33.08 -14.64 -6.88
CA ASP D 189 33.62 -15.93 -6.35
C ASP D 189 32.43 -16.82 -5.96
N CYS D 190 32.30 -17.99 -6.62
CA CYS D 190 31.19 -18.95 -6.45
C CYS D 190 31.68 -20.25 -5.80
N SER D 191 32.86 -20.22 -5.17
CA SER D 191 33.45 -21.38 -4.51
C SER D 191 32.54 -21.83 -3.36
N HIS D 192 31.88 -20.86 -2.70
CA HIS D 192 30.96 -21.09 -1.56
C HIS D 192 29.53 -20.71 -1.98
N THR D 193 28.52 -21.12 -1.21
CA THR D 193 27.08 -20.87 -1.46
C THR D 193 26.85 -19.37 -1.58
N LEU D 194 26.09 -18.95 -2.59
CA LEU D 194 25.68 -17.54 -2.83
C LEU D 194 24.16 -17.42 -2.64
N TYR D 195 23.70 -16.31 -2.08
CA TYR D 195 22.27 -16.02 -1.84
C TYR D 195 21.90 -14.73 -2.55
N PRO D 196 20.69 -14.65 -3.18
CA PRO D 196 20.11 -13.37 -3.56
C PRO D 196 20.15 -12.46 -2.35
N ALA D 197 20.68 -11.25 -2.51
CA ALA D 197 20.95 -10.30 -1.41
C ALA D 197 20.34 -8.95 -1.72
N PHE D 198 19.85 -8.28 -0.67
CA PHE D 198 19.17 -6.98 -0.76
C PHE D 198 19.51 -6.15 0.48
N ALA D 199 19.51 -4.83 0.32
CA ALA D 199 19.64 -3.86 1.42
C ALA D 199 18.78 -2.64 1.13
N LEU D 200 18.18 -2.10 2.18
CA LEU D 200 17.27 -0.94 2.08
C LEU D 200 17.60 0.04 3.18
N MET D 201 17.44 1.32 2.87
CA MET D 201 17.68 2.46 3.77
C MET D 201 16.64 3.53 3.45
N GLY D 202 16.17 4.28 4.45
CA GLY D 202 15.03 5.17 4.31
C GLY D 202 13.83 4.37 3.88
N SER D 203 12.83 4.96 3.28
CA SER D 203 11.65 4.21 2.83
C SER D 203 11.93 3.62 1.43
N GLY D 204 11.55 2.39 1.20
CA GLY D 204 11.71 1.72 -0.08
C GLY D 204 11.06 0.36 -0.06
N GLY D 205 10.96 -0.27 -1.23
CA GLY D 205 10.24 -1.54 -1.40
C GLY D 205 10.85 -2.35 -2.52
N ILE D 206 10.90 -3.66 -2.31
CA ILE D 206 11.28 -4.65 -3.36
C ILE D 206 10.25 -5.75 -3.37
N GLN D 207 9.76 -6.09 -4.56
CA GLN D 207 8.77 -7.17 -4.78
C GLN D 207 9.39 -8.19 -5.72
N LEU D 208 9.50 -9.43 -5.29
CA LEU D 208 9.87 -10.58 -6.15
C LEU D 208 8.72 -10.85 -7.09
N GLU D 209 8.97 -10.96 -8.40
CA GLU D 209 7.89 -11.31 -9.35
C GLU D 209 8.35 -12.49 -10.18
N GLU D 210 7.46 -13.48 -10.33
CA GLU D 210 7.74 -14.83 -10.89
C GLU D 210 8.35 -14.69 -12.30
#